data_7UY1
#
_entry.id   7UY1
#
_cell.length_a   101.187
_cell.length_b   138.210
_cell.length_c   178.564
_cell.angle_alpha   90.000
_cell.angle_beta   90.000
_cell.angle_gamma   90.000
#
_symmetry.space_group_name_H-M   'I 2 2 2'
#
loop_
_entity.id
_entity.type
_entity.pdbx_description
1 polymer 'Protein arginine N-methyltransferase 5'
2 polymer 'Methylosome protein 50'
3 non-polymer 3-methyl-1,5-naphthyridin-2-amine
4 non-polymer "5'-DEOXY-5'-METHYLTHIOADENOSINE"
5 non-polymer 'SULFATE ION'
6 non-polymer 1,2-ETHANEDIOL
7 non-polymer DI(HYDROXYETHYL)ETHER
8 non-polymer 'CHLORIDE ION'
9 water water
#
loop_
_entity_poly.entity_id
_entity_poly.type
_entity_poly.pdbx_seq_one_letter_code
_entity_poly.pdbx_strand_id
1 'polypeptide(L)'
;MDYKDDDDKAAMAVGGAGGSRVSSGRDLNCVPEIADTLGAVAKQGFDFLCMPVFHPRFKREFIQEPAKNRPGPQTRSDLL
LSGRDWNTLIVGKLSPWIRPDSKVEKIRRNSEAAMLQELNFGAYLGLPAFLLPLNQEDNTNLARVLTNHIHTGHHSSMFW
MRVPLVAPEDLRDDIIENAPTTHTEEYSGEEKTWMWWHNFRTLCDYSKRIAVALEIGADLPSNHVIDRWLGEPIKAAILP
TSIFLTNKKGFPVLSKMHQRLIFRLLKLEVQFIITGTNHHSEKEFCSYLQYLEYLSQNRPPPNAYELFAKGYEDYLQSPL
QPLMDNLESQTYEVFEKDPIKYSQYQQAIYKCLLDRVPEEEKDTNVQVLMVLGAGRGPLVNASLRAAKQADRRIKLYAVE
KNPNAVVTLENWQFEEWGSQVTVVSSDMREWVAPEKADIIVSELLGSFADNELSPECLDGAQHFLKDDGVSIPGEYTSFL
APISSSKLYNEVRACREKDRDPEAQFEMPYVVRLHNFHQLSAPQPCFTFSHPNRDPMIDNNRYCTLEFPVEVNTVLHGFA
GYFETVLYQDITLSIRPETHSPGMFSWFPILFPIKQPITVREGQTICVRFWRCSNSKKVWYEWAVTAPVCSAIHNPTGRS
YTIGL
;
A
2 'polypeptide(L)'
;MHHHHHHHHRKETPPPLVPPAAREWNLPPNAPACMERQLEAARYRSDGALLLGASSLSGRCWAGSLWLFKDPCAAPNEGF
CSAGVQTEAGVADLTWVGERGILVASDSGAVELWELDENETLIVSKFCKYEHDDIVSTVSVLSSGTQAVSGSKDICIKVW
DLAQQVVLSSYRAHAAQVTCVAASPHKDSVFLSCSEDNRILLWDTRCPKPASQIGCSAPGYLPTSLAWHPQQSEVFVFGD
ENGTVSLVDTKSTSCVLSSAVHSQCVTGLVFSPHSVPFLASLSEDCSLAVLDSSLSELFRSQAHRDFVRDATWSPLNHSL
LTTVGWDHQVVHHVVPTEPLPAPGPASVTE
;
B
#
# COMPACT_ATOMS: atom_id res chain seq x y z
N ARG A 21 5.78 -14.55 -13.85
CA ARG A 21 6.07 -13.19 -14.39
C ARG A 21 5.63 -12.13 -13.37
N VAL A 22 6.58 -11.28 -12.91
CA VAL A 22 6.27 -10.23 -11.89
C VAL A 22 5.72 -8.99 -12.62
N SER A 23 4.52 -8.54 -12.24
CA SER A 23 3.96 -7.25 -12.74
C SER A 23 4.72 -6.10 -12.08
N SER A 24 5.39 -5.25 -12.88
CA SER A 24 6.29 -4.19 -12.35
C SER A 24 6.07 -2.87 -13.09
N GLY A 25 6.22 -1.74 -12.38
CA GLY A 25 6.04 -0.40 -12.98
C GLY A 25 7.15 0.56 -12.58
N ARG A 26 7.35 1.62 -13.38
CA ARG A 26 8.33 2.69 -13.05
C ARG A 26 7.59 3.84 -12.38
N ASP A 27 8.22 4.45 -11.36
CA ASP A 27 7.71 5.71 -10.73
C ASP A 27 8.67 6.84 -11.10
N LEU A 28 8.18 7.82 -11.88
CA LEU A 28 8.95 9.04 -12.22
C LEU A 28 8.18 10.27 -11.72
N ASN A 29 8.91 11.29 -11.24
CA ASN A 29 8.33 12.62 -10.92
C ASN A 29 8.77 13.63 -12.00
N CYS A 30 9.43 13.17 -13.06
CA CYS A 30 9.95 14.05 -14.15
C CYS A 30 9.70 13.36 -15.50
N VAL A 31 8.83 13.96 -16.33
CA VAL A 31 8.50 13.44 -17.69
C VAL A 31 8.62 14.60 -18.67
N PRO A 32 9.79 14.79 -19.33
CA PRO A 32 9.92 15.81 -20.38
C PRO A 32 9.02 15.52 -21.60
N GLU A 33 9.14 14.32 -22.19
CA GLU A 33 8.33 13.90 -23.37
C GLU A 33 7.64 12.58 -23.03
N ILE A 34 6.31 12.58 -22.96
CA ILE A 34 5.51 11.41 -22.44
C ILE A 34 5.71 10.17 -23.35
N ALA A 35 5.81 10.38 -24.67
CA ALA A 35 5.97 9.25 -25.63
C ALA A 35 7.36 8.63 -25.48
N ASP A 36 8.41 9.47 -25.44
CA ASP A 36 9.81 9.00 -25.34
C ASP A 36 10.08 8.34 -23.98
N THR A 37 9.41 8.81 -22.91
CA THR A 37 9.57 8.20 -21.56
C THR A 37 9.07 6.75 -21.59
N LEU A 38 7.83 6.53 -22.06
CA LEU A 38 7.25 5.16 -22.15
C LEU A 38 8.15 4.23 -22.99
N GLY A 39 8.69 4.73 -24.10
CA GLY A 39 9.59 3.95 -24.98
C GLY A 39 10.84 3.48 -24.25
N ALA A 40 11.46 4.37 -23.45
CA ALA A 40 12.63 4.00 -22.61
C ALA A 40 12.19 3.03 -21.49
N VAL A 41 11.04 3.31 -20.87
CA VAL A 41 10.49 2.46 -19.77
C VAL A 41 10.11 1.07 -20.33
N ALA A 42 9.58 1.02 -21.56
CA ALA A 42 9.22 -0.27 -22.22
C ALA A 42 10.49 -1.08 -22.51
N LYS A 43 11.53 -0.44 -23.06
CA LYS A 43 12.82 -1.11 -23.37
C LYS A 43 13.51 -1.57 -22.07
N GLN A 44 13.32 -0.84 -20.97
CA GLN A 44 13.80 -1.28 -19.63
C GLN A 44 13.03 -2.54 -19.19
N GLY A 45 11.73 -2.60 -19.50
CA GLY A 45 10.92 -3.84 -19.33
C GLY A 45 9.82 -3.72 -18.28
N PHE A 46 9.40 -2.50 -17.92
CA PHE A 46 8.27 -2.30 -16.98
C PHE A 46 6.93 -2.45 -17.71
N ASP A 47 5.90 -2.89 -16.99
CA ASP A 47 4.53 -3.08 -17.58
C ASP A 47 3.80 -1.75 -17.62
N PHE A 48 4.04 -0.85 -16.65
CA PHE A 48 3.31 0.44 -16.57
C PHE A 48 4.23 1.54 -16.04
N LEU A 49 3.72 2.78 -16.03
CA LEU A 49 4.47 3.98 -15.59
C LEU A 49 3.58 4.80 -14.65
N CYS A 50 4.02 5.01 -13.41
CA CYS A 50 3.42 6.05 -12.52
C CYS A 50 4.03 7.41 -12.88
N MET A 51 3.20 8.44 -13.03
CA MET A 51 3.70 9.78 -13.46
C MET A 51 2.70 10.88 -13.11
N PRO A 52 3.12 12.17 -13.06
CA PRO A 52 2.20 13.29 -12.86
C PRO A 52 1.37 13.58 -14.12
N VAL A 53 0.05 13.74 -13.96
CA VAL A 53 -0.85 14.08 -15.10
C VAL A 53 -0.87 15.60 -15.28
N PHE A 54 -0.69 16.36 -14.19
CA PHE A 54 -0.27 17.78 -14.23
C PHE A 54 1.17 17.89 -13.72
N HIS A 55 1.96 18.84 -14.23
CA HIS A 55 3.38 19.01 -13.82
C HIS A 55 3.44 19.25 -12.31
N PRO A 56 4.33 18.55 -11.55
CA PRO A 56 4.31 18.60 -10.09
C PRO A 56 4.65 19.94 -9.42
N ARG A 57 5.42 20.81 -10.10
CA ARG A 57 5.72 22.18 -9.58
C ARG A 57 4.71 23.21 -10.09
N PHE A 58 3.82 22.83 -11.00
CA PHE A 58 2.85 23.80 -11.61
C PHE A 58 1.70 24.07 -10.63
N LYS A 59 1.97 24.91 -9.63
CA LYS A 59 0.96 25.26 -8.59
C LYS A 59 -0.13 26.15 -9.21
N ARG A 60 -1.36 26.05 -8.70
CA ARG A 60 -2.55 26.64 -9.38
C ARG A 60 -3.45 27.37 -8.36
N GLU A 61 -3.78 28.63 -8.65
CA GLU A 61 -4.71 29.45 -7.83
C GLU A 61 -6.13 29.30 -8.41
N PHE A 62 -7.15 29.29 -7.54
CA PHE A 62 -8.56 29.10 -7.96
C PHE A 62 -9.46 30.26 -7.50
N ILE A 63 -9.16 30.89 -6.34
CA ILE A 63 -10.04 31.93 -5.74
C ILE A 63 -9.49 33.32 -6.08
N GLN A 64 -8.24 33.59 -5.71
CA GLN A 64 -7.68 34.98 -5.72
C GLN A 64 -7.26 35.38 -7.14
N GLU A 65 -7.68 36.58 -7.59
CA GLU A 65 -7.13 37.21 -8.83
C GLU A 65 -5.77 37.83 -8.49
N PRO A 66 -4.83 38.01 -9.46
CA PRO A 66 -5.01 37.64 -10.86
C PRO A 66 -4.47 36.26 -11.27
N ALA A 67 -3.98 35.46 -10.29
CA ALA A 67 -3.36 34.14 -10.60
C ALA A 67 -4.41 33.15 -11.13
N LYS A 68 -5.67 33.26 -10.70
CA LYS A 68 -6.73 32.30 -11.13
C LYS A 68 -7.03 32.45 -12.62
N ASN A 69 -6.86 33.66 -13.18
CA ASN A 69 -7.11 33.91 -14.63
C ASN A 69 -5.83 33.63 -15.44
N ARG A 70 -5.19 32.48 -15.19
CA ARG A 70 -3.97 32.07 -15.94
C ARG A 70 -4.39 31.51 -17.29
N PRO A 71 -3.76 31.90 -18.42
CA PRO A 71 -4.08 31.31 -19.72
C PRO A 71 -3.61 29.84 -19.78
N GLY A 72 -4.40 28.98 -20.44
CA GLY A 72 -4.07 27.55 -20.56
C GLY A 72 -3.08 27.30 -21.70
N PRO A 73 -2.80 26.02 -22.06
CA PRO A 73 -3.40 24.85 -21.44
C PRO A 73 -2.89 24.56 -20.02
N GLN A 74 -3.72 23.95 -19.17
CA GLN A 74 -3.36 23.67 -17.75
C GLN A 74 -2.47 22.41 -17.68
N THR A 75 -2.47 21.55 -18.71
CA THR A 75 -1.54 20.38 -18.75
C THR A 75 -1.40 19.86 -20.19
N ARG A 76 -0.80 18.67 -20.32
CA ARG A 76 -0.64 17.95 -21.62
C ARG A 76 -2.00 17.60 -22.25
N SER A 77 -2.02 17.45 -23.58
CA SER A 77 -3.23 16.94 -24.28
C SER A 77 -3.42 15.44 -24.02
N ASP A 78 -4.68 15.00 -23.97
CA ASP A 78 -5.04 13.55 -23.90
C ASP A 78 -4.68 12.85 -25.22
N LEU A 79 -4.51 13.58 -26.33
CA LEU A 79 -4.22 12.96 -27.65
C LEU A 79 -2.77 12.47 -27.77
N LEU A 80 -1.88 12.76 -26.80
CA LEU A 80 -0.44 12.37 -26.91
C LEU A 80 -0.26 10.85 -26.80
N LEU A 81 -1.17 10.15 -26.12
CA LEU A 81 -1.19 8.65 -26.15
C LEU A 81 -2.56 8.17 -26.64
N SER A 82 -2.62 6.91 -27.09
CA SER A 82 -3.91 6.26 -27.48
C SER A 82 -4.73 5.95 -26.21
N GLY A 83 -6.04 5.78 -26.37
CA GLY A 83 -6.94 5.38 -25.26
C GLY A 83 -6.50 4.08 -24.60
N ARG A 84 -5.93 3.14 -25.38
CA ARG A 84 -5.42 1.85 -24.84
C ARG A 84 -4.24 2.10 -23.89
N ASP A 85 -3.33 3.02 -24.24
CA ASP A 85 -2.12 3.30 -23.42
C ASP A 85 -2.52 3.91 -22.06
N TRP A 86 -3.48 4.84 -22.05
CA TRP A 86 -3.98 5.43 -20.77
C TRP A 86 -4.60 4.33 -19.89
N ASN A 87 -5.40 3.43 -20.48
CA ASN A 87 -6.13 2.39 -19.71
C ASN A 87 -5.17 1.36 -19.08
N THR A 88 -4.02 1.09 -19.72
CA THR A 88 -3.11 0.00 -19.27
C THR A 88 -1.80 0.57 -18.72
N LEU A 89 -1.12 1.45 -19.46
CA LEU A 89 0.32 1.76 -19.22
C LEU A 89 0.52 2.91 -18.21
N ILE A 90 -0.46 3.79 -18.00
CA ILE A 90 -0.24 5.02 -17.18
C ILE A 90 -0.94 4.87 -15.81
N VAL A 91 -0.27 5.30 -14.74
CA VAL A 91 -0.88 5.47 -13.39
C VAL A 91 -0.74 6.95 -13.00
N GLY A 92 -1.83 7.59 -12.55
CA GLY A 92 -1.79 9.01 -12.16
C GLY A 92 -1.12 9.21 -10.81
N LYS A 93 -0.55 10.41 -10.58
CA LYS A 93 0.05 10.77 -9.27
C LYS A 93 -0.48 12.14 -8.84
N LEU A 94 -1.06 12.24 -7.64
CA LEU A 94 -1.50 13.57 -7.10
C LEU A 94 -0.27 14.47 -6.96
N SER A 95 -0.37 15.72 -7.42
CA SER A 95 0.78 16.66 -7.36
C SER A 95 1.17 16.89 -5.90
N PRO A 96 2.47 17.01 -5.59
CA PRO A 96 2.95 17.03 -4.20
C PRO A 96 2.55 18.29 -3.41
N TRP A 97 2.30 19.42 -4.11
CA TRP A 97 1.86 20.68 -3.44
C TRP A 97 0.43 20.57 -2.90
N ILE A 98 -0.41 19.68 -3.47
CA ILE A 98 -1.84 19.58 -3.03
C ILE A 98 -1.87 19.07 -1.59
N ARG A 99 -2.26 19.93 -0.66
CA ARG A 99 -2.29 19.61 0.79
C ARG A 99 -3.68 20.00 1.32
N PRO A 100 -4.71 19.13 1.20
CA PRO A 100 -6.05 19.44 1.70
C PRO A 100 -6.21 19.53 3.22
N ASP A 101 -5.21 19.10 4.00
CA ASP A 101 -5.25 19.25 5.48
C ASP A 101 -4.16 20.25 5.92
N SER A 102 -3.90 21.29 5.12
CA SER A 102 -3.01 22.40 5.54
C SER A 102 -3.71 23.23 6.63
N LYS A 103 -2.92 23.84 7.53
CA LYS A 103 -3.47 24.71 8.59
C LYS A 103 -3.90 26.08 8.01
N VAL A 104 -3.42 26.44 6.81
CA VAL A 104 -3.83 27.72 6.14
C VAL A 104 -5.07 27.45 5.28
N GLU A 105 -6.15 28.21 5.50
CA GLU A 105 -7.45 28.05 4.77
C GLU A 105 -7.25 28.20 3.26
N LYS A 106 -6.42 29.13 2.81
CA LYS A 106 -6.20 29.36 1.35
C LYS A 106 -5.58 28.12 0.70
N ILE A 107 -4.52 27.56 1.30
CA ILE A 107 -3.86 26.34 0.75
C ILE A 107 -4.85 25.16 0.82
N ARG A 108 -5.71 25.16 1.84
CA ARG A 108 -6.74 24.10 2.02
CA ARG A 108 -6.73 24.09 2.02
C ARG A 108 -7.76 24.15 0.88
N ARG A 109 -8.24 25.36 0.54
CA ARG A 109 -9.30 25.53 -0.49
C ARG A 109 -8.74 25.30 -1.91
N ASN A 110 -7.53 25.81 -2.19
CA ASN A 110 -6.88 25.55 -3.52
C ASN A 110 -6.58 24.07 -3.69
N SER A 111 -6.15 23.39 -2.61
CA SER A 111 -5.85 21.93 -2.65
C SER A 111 -7.11 21.12 -2.95
N GLU A 112 -8.25 21.48 -2.35
CA GLU A 112 -9.55 20.80 -2.61
C GLU A 112 -9.87 20.86 -4.11
N ALA A 113 -9.88 22.06 -4.68
CA ALA A 113 -10.19 22.27 -6.12
C ALA A 113 -9.15 21.55 -7.00
N ALA A 114 -7.87 21.66 -6.67
CA ALA A 114 -6.77 21.03 -7.45
C ALA A 114 -6.87 19.50 -7.39
N MET A 115 -7.27 18.94 -6.25
CA MET A 115 -7.40 17.47 -6.08
C MET A 115 -8.55 16.95 -6.94
N LEU A 116 -9.72 17.60 -6.86
CA LEU A 116 -10.88 17.22 -7.73
C LEU A 116 -10.48 17.37 -9.20
N GLN A 117 -9.83 18.50 -9.55
CA GLN A 117 -9.35 18.75 -10.93
C GLN A 117 -8.47 17.58 -11.40
N GLU A 118 -7.49 17.19 -10.60
CA GLU A 118 -6.51 16.14 -11.01
C GLU A 118 -7.20 14.77 -11.07
N LEU A 119 -7.99 14.44 -10.04
CA LEU A 119 -8.74 13.15 -9.99
C LEU A 119 -9.74 13.06 -11.14
N ASN A 120 -10.42 14.17 -11.47
CA ASN A 120 -11.40 14.18 -12.58
C ASN A 120 -10.68 14.09 -13.94
N PHE A 121 -9.47 14.64 -14.05
CA PHE A 121 -8.66 14.49 -15.28
C PHE A 121 -8.12 13.06 -15.41
N GLY A 122 -7.85 12.40 -14.28
CA GLY A 122 -7.50 10.95 -14.28
C GLY A 122 -8.66 10.11 -14.75
N ALA A 123 -9.88 10.43 -14.29
CA ALA A 123 -11.13 9.74 -14.72
C ALA A 123 -11.43 10.04 -16.20
N TYR A 124 -11.11 11.26 -16.66
CA TYR A 124 -11.29 11.66 -18.09
C TYR A 124 -10.38 10.80 -18.99
N LEU A 125 -9.12 10.63 -18.59
CA LEU A 125 -8.16 9.77 -19.35
C LEU A 125 -8.47 8.29 -19.15
N GLY A 126 -9.20 7.93 -18.08
CA GLY A 126 -9.59 6.53 -17.85
C GLY A 126 -8.43 5.71 -17.32
N LEU A 127 -7.68 6.26 -16.34
CA LEU A 127 -6.49 5.58 -15.78
C LEU A 127 -6.91 4.44 -14.87
N PRO A 128 -6.20 3.30 -14.86
CA PRO A 128 -6.55 2.16 -14.02
C PRO A 128 -6.33 2.42 -12.52
N ALA A 129 -5.30 3.19 -12.17
CA ALA A 129 -4.99 3.54 -10.76
C ALA A 129 -4.57 5.01 -10.65
N PHE A 130 -4.64 5.56 -9.44
CA PHE A 130 -4.22 6.96 -9.14
C PHE A 130 -3.56 6.98 -7.75
N LEU A 131 -2.32 7.48 -7.67
CA LEU A 131 -1.53 7.44 -6.39
C LEU A 131 -1.82 8.70 -5.57
N LEU A 132 -2.31 8.54 -4.33
CA LEU A 132 -2.42 9.64 -3.35
C LEU A 132 -1.49 9.35 -2.17
N PRO A 133 -0.80 10.35 -1.58
CA PRO A 133 0.06 10.11 -0.43
C PRO A 133 -0.69 10.05 0.91
N LEU A 134 -0.23 9.19 1.82
CA LEU A 134 -0.49 9.32 3.28
C LEU A 134 0.86 9.55 3.97
N ASN A 135 1.18 10.81 4.29
CA ASN A 135 2.51 11.17 4.85
C ASN A 135 2.33 12.00 6.14
N GLN A 136 1.16 11.94 6.78
CA GLN A 136 0.93 12.61 8.09
C GLN A 136 -0.29 11.97 8.78
N GLU A 137 -0.55 12.34 10.03
CA GLU A 137 -1.63 11.73 10.84
C GLU A 137 -3.00 12.18 10.33
N ASP A 138 -3.23 13.51 10.27
CA ASP A 138 -4.55 14.06 9.91
C ASP A 138 -4.68 14.15 8.38
N ASN A 139 -5.29 13.12 7.77
CA ASN A 139 -5.64 13.15 6.31
C ASN A 139 -7.17 13.16 6.16
N THR A 140 -7.86 13.90 7.03
CA THR A 140 -9.35 13.83 7.14
C THR A 140 -9.98 14.52 5.92
N ASN A 141 -9.58 15.75 5.63
CA ASN A 141 -10.13 16.51 4.48
C ASN A 141 -9.68 15.87 3.16
N LEU A 142 -8.48 15.29 3.12
CA LEU A 142 -8.03 14.46 1.96
C LEU A 142 -9.04 13.33 1.71
N ALA A 143 -9.45 12.62 2.77
CA ALA A 143 -10.43 11.52 2.65
C ALA A 143 -11.77 12.04 2.12
N ARG A 144 -12.27 13.16 2.65
CA ARG A 144 -13.59 13.72 2.23
C ARG A 144 -13.61 13.99 0.72
N VAL A 145 -12.58 14.65 0.20
CA VAL A 145 -12.50 15.04 -1.24
C VAL A 145 -12.46 13.77 -2.10
N LEU A 146 -11.67 12.76 -1.69
CA LEU A 146 -11.65 11.46 -2.44
C LEU A 146 -13.03 10.81 -2.39
N THR A 147 -13.68 10.81 -1.21
CA THR A 147 -15.05 10.26 -1.06
C THR A 147 -16.02 11.06 -1.95
N ASN A 148 -15.87 12.39 -2.03
CA ASN A 148 -16.68 13.23 -2.94
C ASN A 148 -16.46 12.76 -4.40
N HIS A 149 -15.21 12.54 -4.80
CA HIS A 149 -14.86 12.10 -6.17
C HIS A 149 -15.42 10.69 -6.47
N ILE A 150 -15.38 9.79 -5.48
CA ILE A 150 -15.90 8.40 -5.67
C ILE A 150 -17.42 8.46 -5.94
N HIS A 151 -18.15 9.35 -5.26
CA HIS A 151 -19.63 9.49 -5.47
C HIS A 151 -19.90 10.61 -6.49
N THR A 152 -19.23 10.59 -7.64
CA THR A 152 -19.43 11.58 -8.74
C THR A 152 -19.15 10.88 -10.07
N GLY A 153 -20.20 10.40 -10.76
CA GLY A 153 -20.06 9.61 -11.99
C GLY A 153 -19.93 8.12 -11.70
N HIS A 154 -20.22 7.28 -12.71
CA HIS A 154 -20.21 5.80 -12.54
C HIS A 154 -18.85 5.20 -12.94
N HIS A 155 -17.82 6.02 -13.13
CA HIS A 155 -16.46 5.53 -13.50
C HIS A 155 -15.88 4.65 -12.37
N SER A 156 -15.07 3.65 -12.75
CA SER A 156 -14.50 2.67 -11.78
C SER A 156 -12.98 2.61 -11.95
N SER A 157 -12.24 3.34 -11.09
CA SER A 157 -10.76 3.42 -11.12
C SER A 157 -10.21 3.12 -9.71
N MET A 158 -8.99 2.57 -9.63
CA MET A 158 -8.37 2.26 -8.31
C MET A 158 -7.69 3.51 -7.74
N PHE A 159 -7.55 3.57 -6.41
CA PHE A 159 -6.84 4.67 -5.71
C PHE A 159 -5.81 4.05 -4.76
N TRP A 160 -4.53 4.13 -5.13
CA TRP A 160 -3.44 3.51 -4.34
C TRP A 160 -2.92 4.52 -3.31
N MET A 161 -3.28 4.34 -2.03
CA MET A 161 -2.78 5.25 -0.95
C MET A 161 -1.31 4.93 -0.66
N ARG A 162 -0.41 5.82 -1.07
CA ARG A 162 1.06 5.63 -0.88
C ARG A 162 1.41 5.90 0.59
N VAL A 163 1.80 4.86 1.33
CA VAL A 163 2.08 4.96 2.79
C VAL A 163 3.29 4.08 3.11
N PRO A 164 4.25 4.54 3.95
CA PRO A 164 5.43 3.73 4.26
C PRO A 164 5.28 2.84 5.49
N LEU A 165 6.10 1.78 5.58
CA LEU A 165 6.19 0.94 6.81
C LEU A 165 6.59 1.81 8.01
N VAL A 166 7.56 2.71 7.81
CA VAL A 166 8.05 3.63 8.87
C VAL A 166 8.00 5.06 8.33
N ALA A 167 7.51 6.01 9.14
CA ALA A 167 7.36 7.42 8.69
C ALA A 167 8.74 8.05 8.51
N PRO A 168 8.89 9.10 7.65
CA PRO A 168 10.17 9.77 7.47
C PRO A 168 10.76 10.31 8.79
N GLU A 169 9.88 10.81 9.68
CA GLU A 169 10.28 11.31 11.02
C GLU A 169 10.95 10.19 11.85
N ASP A 170 10.48 8.95 11.72
CA ASP A 170 10.95 7.83 12.59
C ASP A 170 12.15 7.10 11.98
N LEU A 171 12.57 7.42 10.75
CA LEU A 171 13.79 6.81 10.14
C LEU A 171 14.85 7.86 9.81
N ARG A 172 14.67 9.12 10.27
CA ARG A 172 15.61 10.22 9.92
C ARG A 172 16.99 9.98 10.57
N ASP A 173 18.04 10.53 9.96
CA ASP A 173 19.42 10.44 10.53
C ASP A 173 19.46 11.23 11.85
N ASP A 174 20.21 10.73 12.84
CA ASP A 174 20.25 11.35 14.19
C ASP A 174 21.26 12.49 14.19
N ILE A 175 20.94 13.57 13.47
CA ILE A 175 21.92 14.66 13.14
C ILE A 175 21.44 16.03 13.63
N ILE A 176 20.18 16.17 14.08
CA ILE A 176 19.73 17.42 14.75
C ILE A 176 20.19 17.35 16.22
N GLU A 177 21.00 18.33 16.65
CA GLU A 177 21.68 18.30 17.97
C GLU A 177 20.65 18.43 19.10
N ASN A 178 19.79 19.47 19.04
CA ASN A 178 18.82 19.78 20.12
C ASN A 178 17.52 18.99 19.95
N ALA A 179 17.41 18.13 18.92
CA ALA A 179 16.24 17.24 18.73
C ALA A 179 16.75 15.84 18.38
N PRO A 180 17.20 15.04 19.39
CA PRO A 180 17.71 13.70 19.13
C PRO A 180 16.58 12.68 18.86
N THR A 181 16.89 11.63 18.08
CA THR A 181 15.91 10.54 17.79
C THR A 181 15.78 9.64 19.03
N THR A 182 14.55 9.23 19.35
CA THR A 182 14.28 8.40 20.56
C THR A 182 14.86 6.99 20.34
N HIS A 183 15.69 6.51 21.28
CA HIS A 183 16.26 5.14 21.22
C HIS A 183 15.38 4.15 22.00
N THR A 184 14.36 4.65 22.73
CA THR A 184 13.41 3.78 23.46
C THR A 184 12.45 3.11 22.46
N GLU A 185 12.06 1.87 22.74
CA GLU A 185 11.06 1.14 21.91
C GLU A 185 9.66 1.68 22.23
N GLU A 186 9.00 2.31 21.26
CA GLU A 186 7.56 2.68 21.36
C GLU A 186 6.75 1.69 20.52
N TYR A 187 6.02 0.78 21.18
CA TYR A 187 5.36 -0.36 20.48
C TYR A 187 4.24 0.16 19.56
N SER A 188 3.29 0.89 20.13
CA SER A 188 2.17 1.49 19.36
C SER A 188 2.68 2.59 18.42
N GLY A 189 3.65 3.39 18.89
CA GLY A 189 4.26 4.47 18.08
C GLY A 189 4.89 3.97 16.78
N GLU A 190 5.59 2.83 16.83
CA GLU A 190 6.29 2.27 15.63
C GLU A 190 5.27 1.79 14.58
N GLU A 191 4.00 1.58 14.95
CA GLU A 191 2.93 1.14 14.01
C GLU A 191 2.09 2.33 13.52
N LYS A 192 2.55 3.58 13.70
CA LYS A 192 1.68 4.77 13.48
C LYS A 192 1.16 4.84 12.04
N THR A 193 1.98 4.44 11.05
CA THR A 193 1.60 4.56 9.61
C THR A 193 0.39 3.66 9.29
N TRP A 194 0.26 2.52 9.96
CA TRP A 194 -0.97 1.68 9.83
C TRP A 194 -2.19 2.49 10.28
N MET A 195 -2.07 3.24 11.38
CA MET A 195 -3.20 4.06 11.90
C MET A 195 -3.53 5.19 10.91
N TRP A 196 -2.54 5.71 10.18
CA TRP A 196 -2.79 6.68 9.08
C TRP A 196 -3.71 6.03 8.03
N TRP A 197 -3.39 4.79 7.65
CA TRP A 197 -4.15 4.03 6.63
C TRP A 197 -5.54 3.66 7.17
N HIS A 198 -5.59 3.09 8.39
CA HIS A 198 -6.87 2.64 9.00
C HIS A 198 -7.86 3.80 9.12
N ASN A 199 -7.39 4.96 9.61
CA ASN A 199 -8.28 6.15 9.77
C ASN A 199 -8.77 6.62 8.39
N PHE A 200 -7.91 6.60 7.37
CA PHE A 200 -8.27 7.09 6.02
C PHE A 200 -9.35 6.19 5.40
N ARG A 201 -9.09 4.87 5.33
CA ARG A 201 -10.04 3.91 4.71
C ARG A 201 -11.35 3.86 5.52
N THR A 202 -11.29 4.00 6.85
CA THR A 202 -12.51 4.03 7.70
C THR A 202 -13.36 5.27 7.35
N LEU A 203 -12.72 6.44 7.22
CA LEU A 203 -13.43 7.69 6.81
C LEU A 203 -14.10 7.51 5.44
N CYS A 204 -13.44 6.81 4.51
CA CYS A 204 -13.98 6.57 3.14
C CYS A 204 -14.89 5.32 3.10
N ASP A 205 -15.14 4.69 4.25
CA ASP A 205 -16.22 3.65 4.42
C ASP A 205 -15.81 2.37 3.69
N TYR A 206 -14.54 1.98 3.81
CA TYR A 206 -14.02 0.69 3.26
C TYR A 206 -14.38 0.55 1.77
N SER A 207 -14.09 1.58 0.97
CA SER A 207 -14.31 1.50 -0.50
C SER A 207 -13.37 0.45 -1.10
N LYS A 208 -13.91 -0.46 -1.93
CA LYS A 208 -13.10 -1.53 -2.58
C LYS A 208 -12.09 -0.91 -3.56
N ARG A 209 -12.33 0.33 -4.02
CA ARG A 209 -11.44 1.03 -4.98
C ARG A 209 -10.24 1.67 -4.27
N ILE A 210 -10.26 1.77 -2.93
CA ILE A 210 -9.12 2.35 -2.14
C ILE A 210 -8.23 1.21 -1.66
N ALA A 211 -6.99 1.14 -2.16
CA ALA A 211 -6.02 0.07 -1.80
C ALA A 211 -4.73 0.69 -1.27
N VAL A 212 -3.76 -0.14 -0.86
CA VAL A 212 -2.48 0.33 -0.26
C VAL A 212 -1.35 0.17 -1.29
N ALA A 213 -0.54 1.22 -1.46
CA ALA A 213 0.80 1.11 -2.09
C ALA A 213 1.85 1.23 -0.98
N LEU A 214 2.31 0.09 -0.44
CA LEU A 214 3.18 0.08 0.76
C LEU A 214 4.63 0.42 0.34
N GLU A 215 5.21 1.47 0.91
CA GLU A 215 6.58 1.93 0.53
C GLU A 215 7.60 1.37 1.54
N ILE A 216 8.64 0.69 1.04
CA ILE A 216 9.64 0.01 1.92
C ILE A 216 10.83 0.94 2.14
N GLY A 217 11.32 1.02 3.40
CA GLY A 217 12.46 1.87 3.76
C GLY A 217 13.78 1.10 3.74
N ALA A 218 14.90 1.83 3.81
CA ALA A 218 16.26 1.22 3.80
C ALA A 218 16.46 0.29 5.00
N ASP A 219 15.92 0.66 6.18
CA ASP A 219 15.93 -0.22 7.38
C ASP A 219 14.48 -0.62 7.70
N LEU A 220 14.19 -1.93 7.74
CA LEU A 220 12.82 -2.42 8.07
C LEU A 220 12.56 -2.23 9.56
N PRO A 221 11.27 -2.11 9.98
CA PRO A 221 10.92 -2.08 11.40
C PRO A 221 10.88 -3.49 12.02
N SER A 222 10.41 -3.59 13.28
CA SER A 222 10.15 -4.89 13.95
C SER A 222 9.07 -5.68 13.19
N ASN A 223 9.03 -7.00 13.41
CA ASN A 223 8.07 -7.90 12.69
C ASN A 223 6.62 -7.48 12.98
N HIS A 224 6.31 -7.07 14.22
CA HIS A 224 4.92 -6.70 14.60
C HIS A 224 4.42 -5.52 13.74
N VAL A 225 5.31 -4.61 13.33
CA VAL A 225 4.94 -3.47 12.44
C VAL A 225 4.61 -4.01 11.04
N ILE A 226 5.41 -4.96 10.54
CA ILE A 226 5.16 -5.56 9.18
C ILE A 226 3.92 -6.45 9.25
N ASP A 227 3.77 -7.25 10.33
CA ASP A 227 2.59 -8.12 10.54
C ASP A 227 1.30 -7.28 10.64
N ARG A 228 1.40 -6.02 11.05
CA ARG A 228 0.24 -5.09 11.13
C ARG A 228 -0.46 -4.95 9.76
N TRP A 229 0.28 -5.10 8.66
CA TRP A 229 -0.29 -4.96 7.28
C TRP A 229 -0.80 -6.30 6.72
N LEU A 230 -0.76 -7.40 7.50
CA LEU A 230 -1.41 -8.67 7.06
C LEU A 230 -2.93 -8.46 7.03
N GLY A 231 -3.58 -8.98 5.98
CA GLY A 231 -5.05 -8.83 5.80
C GLY A 231 -5.43 -7.57 5.04
N GLU A 232 -4.52 -6.59 4.92
CA GLU A 232 -4.86 -5.28 4.30
C GLU A 232 -4.86 -5.41 2.78
N PRO A 233 -5.65 -4.59 2.05
CA PRO A 233 -5.70 -4.66 0.58
C PRO A 233 -4.48 -3.96 -0.02
N ILE A 234 -3.33 -4.65 0.00
CA ILE A 234 -2.07 -4.14 -0.62
C ILE A 234 -2.12 -4.51 -2.11
N LYS A 235 -2.25 -3.51 -2.98
CA LYS A 235 -2.25 -3.74 -4.46
C LYS A 235 -0.88 -3.41 -5.05
N ALA A 236 -0.03 -2.66 -4.34
CA ALA A 236 1.30 -2.29 -4.86
C ALA A 236 2.33 -2.27 -3.73
N ALA A 237 3.61 -2.47 -4.06
CA ALA A 237 4.73 -2.33 -3.12
C ALA A 237 5.81 -1.44 -3.77
N ILE A 238 6.04 -0.25 -3.22
CA ILE A 238 7.04 0.71 -3.80
C ILE A 238 8.42 0.37 -3.21
N LEU A 239 9.43 0.17 -4.08
CA LEU A 239 10.82 -0.13 -3.67
C LEU A 239 11.73 0.98 -4.19
N PRO A 240 12.22 1.92 -3.34
CA PRO A 240 13.21 2.91 -3.76
C PRO A 240 14.55 2.29 -4.19
N THR A 241 15.24 2.93 -5.13
CA THR A 241 16.59 2.48 -5.57
C THR A 241 17.59 2.58 -4.41
N SER A 242 17.37 3.52 -3.47
CA SER A 242 18.28 3.77 -2.32
C SER A 242 18.33 2.57 -1.35
N ILE A 243 17.29 1.72 -1.29
CA ILE A 243 17.25 0.59 -0.31
C ILE A 243 18.14 -0.56 -0.80
N PHE A 244 18.46 -0.63 -2.09
CA PHE A 244 19.22 -1.77 -2.66
C PHE A 244 20.70 -1.69 -2.23
N LEU A 245 21.25 -2.81 -1.75
CA LEU A 245 22.69 -2.95 -1.45
C LEU A 245 23.44 -3.32 -2.73
N THR A 246 24.77 -3.45 -2.65
CA THR A 246 25.61 -3.85 -3.82
C THR A 246 26.38 -5.13 -3.48
N ASN A 247 26.50 -6.05 -4.45
CA ASN A 247 27.27 -7.31 -4.28
C ASN A 247 28.69 -7.09 -4.82
N LYS A 248 29.52 -8.15 -4.84
CA LYS A 248 30.94 -8.05 -5.29
C LYS A 248 31.01 -7.62 -6.77
N LYS A 249 30.18 -8.20 -7.63
CA LYS A 249 30.21 -7.90 -9.09
C LYS A 249 29.67 -6.48 -9.38
N GLY A 250 28.84 -5.93 -8.49
CA GLY A 250 28.39 -4.52 -8.60
C GLY A 250 26.90 -4.37 -8.88
N PHE A 251 26.17 -5.48 -9.03
CA PHE A 251 24.72 -5.43 -9.38
C PHE A 251 23.90 -5.03 -8.15
N PRO A 252 22.69 -4.44 -8.32
CA PRO A 252 21.82 -4.09 -7.19
C PRO A 252 21.15 -5.34 -6.59
N VAL A 253 21.20 -5.49 -5.27
CA VAL A 253 20.61 -6.65 -4.54
C VAL A 253 19.89 -6.15 -3.28
N LEU A 254 19.23 -7.05 -2.55
CA LEU A 254 18.54 -6.71 -1.27
C LEU A 254 19.05 -7.65 -0.17
N SER A 255 18.86 -7.26 1.09
CA SER A 255 19.29 -8.08 2.26
C SER A 255 18.36 -9.29 2.42
N LYS A 256 18.76 -10.24 3.27
CA LYS A 256 17.94 -11.46 3.55
C LYS A 256 16.58 -11.05 4.13
N MET A 257 16.55 -10.07 5.04
CA MET A 257 15.29 -9.60 5.68
C MET A 257 14.37 -8.95 4.64
N HIS A 258 14.93 -8.17 3.71
CA HIS A 258 14.14 -7.54 2.61
C HIS A 258 13.59 -8.63 1.68
N GLN A 259 14.41 -9.64 1.33
CA GLN A 259 13.99 -10.77 0.48
C GLN A 259 12.80 -11.51 1.13
N ARG A 260 12.85 -11.71 2.46
CA ARG A 260 11.75 -12.37 3.22
C ARG A 260 10.44 -11.60 3.04
N LEU A 261 10.48 -10.26 3.04
CA LEU A 261 9.28 -9.41 2.84
C LEU A 261 8.78 -9.52 1.39
N ILE A 262 9.69 -9.61 0.41
CA ILE A 262 9.30 -9.72 -1.03
C ILE A 262 8.55 -11.04 -1.27
N PHE A 263 9.00 -12.14 -0.66
CA PHE A 263 8.32 -13.46 -0.82
C PHE A 263 6.89 -13.42 -0.25
N ARG A 264 6.67 -12.65 0.81
CA ARG A 264 5.29 -12.43 1.34
C ARG A 264 4.45 -11.63 0.34
N LEU A 265 5.03 -10.58 -0.27
CA LEU A 265 4.29 -9.70 -1.21
C LEU A 265 4.02 -10.42 -2.54
N LEU A 266 4.93 -11.29 -2.99
CA LEU A 266 4.72 -12.11 -4.22
C LEU A 266 3.50 -13.03 -4.04
N LYS A 267 3.28 -13.55 -2.82
CA LYS A 267 2.08 -14.37 -2.54
C LYS A 267 0.81 -13.51 -2.61
N LEU A 268 0.88 -12.24 -2.19
CA LEU A 268 -0.27 -11.28 -2.36
C LEU A 268 -0.35 -10.76 -3.81
N GLU A 269 0.61 -11.11 -4.68
CA GLU A 269 0.56 -10.78 -6.13
C GLU A 269 0.43 -9.25 -6.29
N VAL A 270 1.23 -8.50 -5.53
CA VAL A 270 1.23 -7.01 -5.61
C VAL A 270 2.00 -6.60 -6.87
N GLN A 271 1.76 -5.38 -7.36
CA GLN A 271 2.55 -4.82 -8.48
C GLN A 271 3.74 -4.05 -7.89
N PHE A 272 4.97 -4.54 -8.13
CA PHE A 272 6.19 -3.92 -7.54
C PHE A 272 6.54 -2.65 -8.31
N ILE A 273 6.37 -1.49 -7.68
CA ILE A 273 6.77 -0.18 -8.27
C ILE A 273 8.23 0.08 -7.89
N ILE A 274 9.04 0.58 -8.83
CA ILE A 274 10.43 1.06 -8.54
C ILE A 274 10.42 2.59 -8.63
N THR A 275 11.01 3.27 -7.62
CA THR A 275 11.04 4.75 -7.55
C THR A 275 12.48 5.23 -7.35
N GLY A 276 12.76 6.48 -7.69
CA GLY A 276 14.08 7.10 -7.48
C GLY A 276 14.98 7.01 -8.70
N THR A 277 16.17 7.62 -8.61
CA THR A 277 17.16 7.66 -9.73
C THR A 277 18.16 6.50 -9.58
N ASN A 278 18.90 6.22 -10.66
CA ASN A 278 19.85 5.07 -10.71
C ASN A 278 21.07 5.38 -9.83
N HIS A 279 21.24 4.62 -8.73
CA HIS A 279 22.44 4.71 -7.87
C HIS A 279 23.52 3.73 -8.36
N HIS A 280 23.10 2.52 -8.77
CA HIS A 280 24.04 1.49 -9.32
C HIS A 280 24.43 1.87 -10.76
N SER A 281 25.36 2.81 -10.91
CA SER A 281 25.79 3.34 -12.24
C SER A 281 27.32 3.34 -12.32
N PHE A 285 19.22 0.52 -16.24
CA PHE A 285 18.20 0.57 -15.14
C PHE A 285 17.48 -0.79 -14.94
N CYS A 286 17.42 -1.65 -15.97
CA CYS A 286 16.79 -3.01 -15.84
C CYS A 286 17.49 -3.89 -14.80
N SER A 287 18.70 -3.53 -14.36
CA SER A 287 19.41 -4.26 -13.26
C SER A 287 18.52 -4.43 -12.03
N TYR A 288 17.80 -3.38 -11.63
CA TYR A 288 16.86 -3.44 -10.48
C TYR A 288 15.72 -4.43 -10.78
N LEU A 289 15.05 -4.26 -11.91
CA LEU A 289 13.87 -5.09 -12.28
C LEU A 289 14.30 -6.56 -12.50
N GLN A 290 15.47 -6.78 -13.09
CA GLN A 290 16.00 -8.15 -13.33
C GLN A 290 16.28 -8.86 -12.00
N TYR A 291 16.54 -8.12 -10.91
CA TYR A 291 16.75 -8.74 -9.58
C TYR A 291 15.42 -9.28 -9.03
N LEU A 292 14.32 -8.53 -9.17
CA LEU A 292 12.98 -9.01 -8.74
C LEU A 292 12.62 -10.31 -9.49
N GLU A 293 12.96 -10.40 -10.78
CA GLU A 293 12.75 -11.63 -11.58
C GLU A 293 13.56 -12.80 -10.99
N TYR A 294 14.83 -12.54 -10.61
CA TYR A 294 15.70 -13.59 -10.00
C TYR A 294 15.08 -14.10 -8.69
N LEU A 295 14.54 -13.20 -7.85
CA LEU A 295 13.85 -13.62 -6.60
C LEU A 295 12.57 -14.39 -6.95
N SER A 296 11.83 -13.94 -7.97
CA SER A 296 10.55 -14.58 -8.37
C SER A 296 10.76 -16.05 -8.76
N GLN A 297 11.82 -16.35 -9.54
CA GLN A 297 12.15 -17.75 -9.91
C GLN A 297 12.63 -18.50 -8.67
N ASN A 298 13.64 -17.96 -7.97
CA ASN A 298 14.27 -18.63 -6.80
C ASN A 298 13.46 -18.31 -5.53
N ARG A 299 12.33 -19.01 -5.36
CA ARG A 299 11.45 -18.86 -4.16
C ARG A 299 11.23 -20.23 -3.52
N PRO A 300 10.61 -20.32 -2.33
CA PRO A 300 10.04 -21.59 -1.85
C PRO A 300 9.01 -22.12 -2.84
N PRO A 301 9.06 -23.42 -3.22
CA PRO A 301 8.31 -23.92 -4.37
C PRO A 301 6.81 -24.05 -4.12
N PRO A 302 5.97 -24.16 -5.19
CA PRO A 302 4.52 -24.25 -5.03
C PRO A 302 4.09 -25.64 -4.57
N ASN A 303 3.62 -25.75 -3.32
CA ASN A 303 3.27 -27.06 -2.70
C ASN A 303 1.93 -27.56 -3.25
N ALA A 304 1.57 -28.82 -2.93
CA ALA A 304 0.36 -29.48 -3.46
C ALA A 304 -0.92 -28.79 -2.95
N TYR A 305 -0.90 -28.25 -1.72
CA TYR A 305 -2.06 -27.52 -1.15
C TYR A 305 -2.29 -26.23 -1.95
N GLU A 306 -1.24 -25.43 -2.15
CA GLU A 306 -1.33 -24.11 -2.85
C GLU A 306 -1.55 -24.29 -4.36
N LEU A 307 -1.12 -25.42 -4.94
CA LEU A 307 -1.24 -25.65 -6.41
C LEU A 307 -2.72 -25.79 -6.79
N PHE A 308 -3.44 -26.72 -6.15
CA PHE A 308 -4.89 -26.95 -6.43
C PHE A 308 -5.74 -25.76 -5.93
N ALA A 309 -5.27 -25.07 -4.88
CA ALA A 309 -6.00 -23.92 -4.28
C ALA A 309 -5.83 -22.64 -5.11
N LYS A 310 -5.01 -22.65 -6.17
CA LYS A 310 -4.83 -21.46 -7.04
C LYS A 310 -6.17 -21.07 -7.67
N GLY A 311 -6.50 -19.77 -7.67
CA GLY A 311 -7.79 -19.27 -8.17
C GLY A 311 -8.76 -18.93 -7.04
N TYR A 312 -8.86 -19.79 -6.01
CA TYR A 312 -9.90 -19.68 -4.97
C TYR A 312 -9.44 -18.85 -3.76
N GLU A 313 -8.32 -18.10 -3.87
CA GLU A 313 -7.73 -17.38 -2.70
C GLU A 313 -8.71 -16.30 -2.21
N ASP A 314 -9.23 -16.45 -0.99
CA ASP A 314 -10.20 -15.50 -0.37
C ASP A 314 -11.47 -15.38 -1.22
N TYR A 315 -11.87 -16.45 -1.92
CA TYR A 315 -13.14 -16.50 -2.68
C TYR A 315 -14.23 -17.07 -1.79
N LEU A 316 -15.23 -16.27 -1.44
CA LEU A 316 -16.32 -16.72 -0.53
C LEU A 316 -17.27 -17.65 -1.29
N GLN A 317 -17.56 -18.83 -0.72
CA GLN A 317 -18.58 -19.76 -1.28
C GLN A 317 -19.55 -20.17 -0.17
N SER A 318 -20.78 -20.56 -0.55
CA SER A 318 -21.74 -21.17 0.41
C SER A 318 -21.18 -22.54 0.83
N PRO A 319 -21.15 -22.87 2.14
CA PRO A 319 -20.80 -24.24 2.56
C PRO A 319 -21.80 -25.25 2.01
N LEU A 320 -21.30 -26.39 1.51
CA LEU A 320 -22.15 -27.44 0.90
C LEU A 320 -23.05 -28.05 1.98
N GLN A 321 -24.27 -28.47 1.57
CA GLN A 321 -25.25 -29.13 2.45
C GLN A 321 -25.72 -30.41 1.76
N PRO A 322 -24.96 -31.52 1.87
CA PRO A 322 -25.31 -32.78 1.18
C PRO A 322 -26.61 -33.43 1.68
N LEU A 323 -27.04 -33.10 2.90
CA LEU A 323 -28.34 -33.61 3.44
C LEU A 323 -29.50 -32.87 2.78
N MET A 324 -29.50 -31.53 2.84
CA MET A 324 -30.61 -30.70 2.31
C MET A 324 -30.62 -30.77 0.78
N ASP A 325 -29.45 -30.61 0.14
CA ASP A 325 -29.32 -30.56 -1.33
C ASP A 325 -28.80 -31.90 -1.86
N ASN A 326 -29.09 -32.22 -3.13
CA ASN A 326 -28.45 -33.36 -3.84
C ASN A 326 -27.20 -32.85 -4.56
N LEU A 327 -26.02 -33.35 -4.17
CA LEU A 327 -24.74 -32.83 -4.74
C LEU A 327 -24.62 -33.23 -6.21
N GLU A 328 -23.98 -32.37 -7.01
CA GLU A 328 -23.81 -32.60 -8.47
C GLU A 328 -22.73 -33.66 -8.71
N SER A 329 -22.67 -34.19 -9.94
CA SER A 329 -21.68 -35.24 -10.32
C SER A 329 -20.24 -34.73 -10.11
N GLN A 330 -19.95 -33.50 -10.53
CA GLN A 330 -18.58 -32.92 -10.41
C GLN A 330 -18.22 -32.67 -8.94
N THR A 331 -19.20 -32.36 -8.08
CA THR A 331 -18.95 -32.20 -6.62
C THR A 331 -18.46 -33.52 -6.02
N TYR A 332 -19.05 -34.65 -6.44
CA TYR A 332 -18.59 -36.00 -6.00
C TYR A 332 -17.21 -36.30 -6.61
N GLU A 333 -17.00 -35.90 -7.87
CA GLU A 333 -15.67 -36.07 -8.55
C GLU A 333 -14.59 -35.32 -7.76
N VAL A 334 -14.90 -34.11 -7.27
CA VAL A 334 -13.95 -33.29 -6.46
C VAL A 334 -13.62 -34.03 -5.15
N PHE A 335 -14.65 -34.56 -4.46
CA PHE A 335 -14.43 -35.33 -3.20
C PHE A 335 -13.55 -36.55 -3.47
N GLU A 336 -13.77 -37.23 -4.61
CA GLU A 336 -13.10 -38.51 -4.93
C GLU A 336 -11.64 -38.29 -5.34
N LYS A 337 -11.30 -37.12 -5.90
CA LYS A 337 -9.89 -36.81 -6.30
C LYS A 337 -9.07 -36.53 -5.04
N ASP A 338 -8.78 -37.57 -4.25
CA ASP A 338 -8.13 -37.42 -2.92
C ASP A 338 -7.72 -38.80 -2.41
N PRO A 339 -6.80 -39.52 -3.11
CA PRO A 339 -6.50 -40.91 -2.77
C PRO A 339 -5.83 -41.11 -1.40
N ILE A 340 -5.18 -40.07 -0.86
CA ILE A 340 -4.56 -40.12 0.50
C ILE A 340 -5.67 -40.23 1.55
N LYS A 341 -6.75 -39.45 1.41
CA LYS A 341 -7.83 -39.41 2.44
C LYS A 341 -8.58 -40.74 2.48
N TYR A 342 -8.73 -41.43 1.36
CA TYR A 342 -9.45 -42.73 1.32
C TYR A 342 -8.53 -43.88 1.76
N SER A 343 -7.21 -43.74 1.55
CA SER A 343 -6.24 -44.74 2.08
C SER A 343 -6.19 -44.68 3.61
N GLN A 344 -6.49 -43.52 4.21
CA GLN A 344 -6.69 -43.42 5.68
C GLN A 344 -7.97 -44.15 6.09
N TYR A 345 -9.06 -43.95 5.35
CA TYR A 345 -10.33 -44.70 5.58
C TYR A 345 -10.09 -46.20 5.42
N GLN A 346 -9.34 -46.60 4.38
CA GLN A 346 -8.94 -48.02 4.17
C GLN A 346 -8.19 -48.54 5.41
N GLN A 347 -7.25 -47.75 5.95
CA GLN A 347 -6.43 -48.14 7.11
C GLN A 347 -7.32 -48.29 8.36
N ALA A 348 -8.24 -47.35 8.59
CA ALA A 348 -9.16 -47.39 9.75
C ALA A 348 -10.03 -48.65 9.71
N ILE A 349 -10.51 -49.04 8.53
CA ILE A 349 -11.32 -50.28 8.37
C ILE A 349 -10.40 -51.51 8.52
N TYR A 350 -9.20 -51.46 7.91
CA TYR A 350 -8.20 -52.56 7.98
C TYR A 350 -7.88 -52.90 9.45
N LYS A 351 -7.58 -51.88 10.26
CA LYS A 351 -7.23 -52.09 11.69
C LYS A 351 -8.48 -52.54 12.48
N CYS A 352 -9.66 -52.02 12.14
CA CYS A 352 -10.92 -52.38 12.86
C CYS A 352 -11.30 -53.84 12.63
N LEU A 353 -11.24 -54.32 11.38
CA LEU A 353 -11.62 -55.72 11.03
C LEU A 353 -10.71 -56.72 11.77
N LEU A 354 -9.42 -56.40 11.92
CA LEU A 354 -8.46 -57.28 12.65
C LEU A 354 -8.82 -57.31 14.15
N ASP A 355 -9.21 -56.18 14.74
CA ASP A 355 -9.53 -56.11 16.19
C ASP A 355 -10.84 -56.84 16.50
N ARG A 356 -11.83 -56.78 15.59
CA ARG A 356 -13.15 -57.43 15.81
C ARG A 356 -13.05 -58.94 15.52
N VAL A 357 -12.57 -59.30 14.33
CA VAL A 357 -12.50 -60.74 13.89
C VAL A 357 -11.10 -61.26 14.18
N PRO A 358 -10.94 -62.31 15.04
CA PRO A 358 -9.64 -62.95 15.25
C PRO A 358 -9.26 -63.88 14.08
N GLU A 359 -7.99 -64.32 14.05
CA GLU A 359 -7.45 -65.16 12.95
C GLU A 359 -8.19 -66.51 12.87
N GLU A 360 -8.58 -67.07 14.02
CA GLU A 360 -9.26 -68.40 14.07
C GLU A 360 -10.70 -68.31 13.51
N GLU A 361 -11.32 -67.11 13.50
CA GLU A 361 -12.70 -66.93 12.96
C GLU A 361 -12.65 -66.24 11.59
N LYS A 362 -11.68 -66.59 10.74
CA LYS A 362 -11.41 -65.84 9.48
C LYS A 362 -12.50 -66.17 8.44
N ASP A 363 -12.71 -67.46 8.17
CA ASP A 363 -13.66 -67.91 7.13
C ASP A 363 -15.09 -67.90 7.67
N THR A 364 -15.27 -68.13 8.98
CA THR A 364 -16.63 -68.18 9.60
C THR A 364 -17.21 -66.76 9.73
N ASN A 365 -16.50 -65.85 10.40
CA ASN A 365 -17.05 -64.52 10.77
C ASN A 365 -17.01 -63.57 9.56
N VAL A 366 -18.19 -63.26 9.01
CA VAL A 366 -18.35 -62.20 7.96
C VAL A 366 -18.87 -60.93 8.64
N GLN A 367 -18.16 -59.81 8.50
CA GLN A 367 -18.52 -58.53 9.18
C GLN A 367 -19.50 -57.74 8.30
N VAL A 368 -20.54 -57.17 8.91
CA VAL A 368 -21.55 -56.35 8.17
C VAL A 368 -21.08 -54.89 8.17
N LEU A 369 -20.43 -54.45 7.08
CA LEU A 369 -20.09 -53.02 6.87
C LEU A 369 -21.31 -52.28 6.29
N MET A 370 -21.48 -51.01 6.67
CA MET A 370 -22.58 -50.17 6.12
C MET A 370 -22.03 -48.76 5.84
N VAL A 371 -21.79 -48.45 4.56
CA VAL A 371 -21.32 -47.09 4.15
C VAL A 371 -22.54 -46.16 4.20
N LEU A 372 -22.63 -45.29 5.21
CA LEU A 372 -23.80 -44.39 5.39
C LEU A 372 -23.52 -43.04 4.71
N GLY A 373 -24.18 -42.81 3.56
CA GLY A 373 -23.84 -41.67 2.67
C GLY A 373 -22.69 -42.05 1.75
N ALA A 374 -22.96 -42.95 0.81
CA ALA A 374 -21.89 -43.63 0.02
C ALA A 374 -21.54 -42.85 -1.26
N GLY A 375 -22.31 -41.81 -1.62
CA GLY A 375 -22.01 -41.01 -2.83
C GLY A 375 -21.93 -41.88 -4.07
N ARG A 376 -20.77 -41.89 -4.74
CA ARG A 376 -20.54 -42.77 -5.93
C ARG A 376 -19.54 -43.90 -5.57
N GLY A 377 -19.51 -44.31 -4.30
CA GLY A 377 -18.80 -45.53 -3.86
C GLY A 377 -17.27 -45.40 -3.75
N PRO A 378 -16.68 -44.28 -3.27
CA PRO A 378 -15.26 -44.26 -2.92
C PRO A 378 -14.96 -45.04 -1.64
N LEU A 379 -15.81 -44.90 -0.60
CA LEU A 379 -15.66 -45.68 0.66
C LEU A 379 -16.04 -47.15 0.41
N VAL A 380 -16.97 -47.41 -0.51
CA VAL A 380 -17.33 -48.81 -0.89
C VAL A 380 -16.07 -49.50 -1.44
N ASN A 381 -15.33 -48.83 -2.33
CA ASN A 381 -14.08 -49.39 -2.92
C ASN A 381 -13.00 -49.47 -1.83
N ALA A 382 -12.87 -48.43 -0.99
CA ALA A 382 -11.91 -48.43 0.13
C ALA A 382 -12.22 -49.56 1.11
N SER A 383 -13.51 -49.85 1.34
CA SER A 383 -13.94 -50.98 2.21
C SER A 383 -13.57 -52.33 1.59
N LEU A 384 -13.75 -52.48 0.27
CA LEU A 384 -13.40 -53.74 -0.45
C LEU A 384 -11.88 -53.93 -0.45
N ARG A 385 -11.11 -52.88 -0.76
CA ARG A 385 -9.62 -52.94 -0.76
C ARG A 385 -9.09 -53.22 0.65
N ALA A 386 -9.77 -52.69 1.69
CA ALA A 386 -9.40 -52.96 3.11
C ALA A 386 -9.59 -54.43 3.46
N ALA A 387 -10.72 -55.02 3.07
CA ALA A 387 -11.03 -56.44 3.35
C ALA A 387 -9.98 -57.37 2.70
N LYS A 388 -9.51 -57.03 1.49
CA LYS A 388 -8.51 -57.85 0.77
C LYS A 388 -7.18 -57.86 1.53
N GLN A 389 -6.66 -56.68 1.90
CA GLN A 389 -5.33 -56.59 2.60
C GLN A 389 -5.46 -57.11 4.04
N ALA A 390 -6.61 -56.93 4.69
CA ALA A 390 -6.86 -57.49 6.03
C ALA A 390 -7.01 -59.02 5.98
N ASP A 391 -7.45 -59.57 4.84
CA ASP A 391 -7.71 -61.03 4.67
C ASP A 391 -8.88 -61.43 5.58
N ARG A 392 -9.99 -60.69 5.47
CA ARG A 392 -11.24 -60.96 6.26
C ARG A 392 -12.46 -60.80 5.36
N ARG A 393 -13.50 -61.60 5.58
CA ARG A 393 -14.75 -61.56 4.76
C ARG A 393 -15.64 -60.41 5.26
N ILE A 394 -16.33 -59.72 4.33
CA ILE A 394 -17.22 -58.58 4.69
C ILE A 394 -18.55 -58.69 3.93
N LYS A 395 -19.56 -57.96 4.39
CA LYS A 395 -20.86 -57.79 3.68
C LYS A 395 -21.20 -56.29 3.69
N LEU A 396 -21.36 -55.68 2.51
CA LEU A 396 -21.44 -54.19 2.38
C LEU A 396 -22.89 -53.74 2.22
N TYR A 397 -23.20 -52.54 2.70
CA TYR A 397 -24.48 -51.84 2.43
C TYR A 397 -24.20 -50.40 2.04
N ALA A 398 -24.33 -50.07 0.74
CA ALA A 398 -24.10 -48.69 0.25
C ALA A 398 -25.39 -47.87 0.42
N VAL A 399 -25.57 -47.26 1.59
CA VAL A 399 -26.77 -46.42 1.87
C VAL A 399 -26.53 -45.02 1.30
N GLU A 400 -27.48 -44.51 0.49
CA GLU A 400 -27.35 -43.18 -0.18
C GLU A 400 -28.73 -42.55 -0.38
N LYS A 401 -28.89 -41.31 0.09
CA LYS A 401 -30.17 -40.55 0.01
C LYS A 401 -30.34 -39.98 -1.41
N ASN A 402 -29.27 -39.43 -1.98
CA ASN A 402 -29.32 -38.73 -3.29
C ASN A 402 -29.56 -39.76 -4.40
N PRO A 403 -30.75 -39.79 -5.04
CA PRO A 403 -31.08 -40.85 -6.00
C PRO A 403 -30.32 -40.73 -7.32
N ASN A 404 -29.71 -39.57 -7.59
CA ASN A 404 -28.83 -39.38 -8.77
C ASN A 404 -27.54 -40.19 -8.58
N ALA A 405 -26.91 -40.06 -7.40
CA ALA A 405 -25.66 -40.81 -7.07
C ALA A 405 -25.93 -42.33 -7.03
N VAL A 406 -27.13 -42.74 -6.63
CA VAL A 406 -27.55 -44.17 -6.61
C VAL A 406 -27.48 -44.76 -8.03
N VAL A 407 -27.72 -43.96 -9.08
CA VAL A 407 -27.57 -44.42 -10.49
C VAL A 407 -26.12 -44.88 -10.71
N THR A 408 -25.15 -44.09 -10.24
CA THR A 408 -23.71 -44.41 -10.35
C THR A 408 -23.37 -45.66 -9.51
N LEU A 409 -23.90 -45.74 -8.29
CA LEU A 409 -23.68 -46.91 -7.39
C LEU A 409 -24.21 -48.19 -8.06
N GLU A 410 -25.46 -48.17 -8.54
CA GLU A 410 -26.11 -49.39 -9.08
C GLU A 410 -25.45 -49.82 -10.40
N ASN A 411 -24.92 -48.88 -11.18
CA ASN A 411 -24.10 -49.23 -12.39
C ASN A 411 -22.77 -49.84 -11.95
N TRP A 412 -22.14 -49.32 -10.89
CA TRP A 412 -20.92 -49.96 -10.29
C TRP A 412 -21.27 -51.32 -9.70
N GLN A 413 -22.40 -51.42 -8.97
CA GLN A 413 -22.82 -52.67 -8.29
C GLN A 413 -23.11 -53.77 -9.32
N PHE A 414 -23.75 -53.42 -10.44
CA PHE A 414 -24.06 -54.42 -11.50
C PHE A 414 -22.78 -54.84 -12.23
N GLU A 415 -21.95 -53.88 -12.64
CA GLU A 415 -20.80 -54.15 -13.55
C GLU A 415 -19.62 -54.78 -12.79
N GLU A 416 -19.44 -54.48 -11.50
CA GLU A 416 -18.18 -54.82 -10.77
C GLU A 416 -18.47 -55.58 -9.47
N TRP A 417 -19.15 -54.93 -8.51
CA TRP A 417 -19.23 -55.45 -7.12
C TRP A 417 -20.09 -56.72 -7.03
N GLY A 418 -21.25 -56.73 -7.70
CA GLY A 418 -22.18 -57.87 -7.63
C GLY A 418 -22.89 -57.92 -6.28
N SER A 419 -23.28 -59.12 -5.86
CA SER A 419 -24.21 -59.33 -4.71
C SER A 419 -23.55 -58.94 -3.37
N GLN A 420 -22.21 -58.88 -3.30
CA GLN A 420 -21.51 -58.46 -2.05
C GLN A 420 -22.03 -57.09 -1.59
N VAL A 421 -22.03 -56.10 -2.48
CA VAL A 421 -22.56 -54.74 -2.17
C VAL A 421 -24.07 -54.74 -2.44
N THR A 422 -24.87 -54.41 -1.42
CA THR A 422 -26.32 -54.12 -1.57
C THR A 422 -26.51 -52.59 -1.53
N VAL A 423 -26.87 -51.99 -2.66
CA VAL A 423 -27.16 -50.52 -2.70
C VAL A 423 -28.54 -50.28 -2.06
N VAL A 424 -28.66 -49.23 -1.26
CA VAL A 424 -29.93 -48.87 -0.55
C VAL A 424 -30.24 -47.39 -0.86
N SER A 425 -31.22 -47.14 -1.73
CA SER A 425 -31.61 -45.75 -2.09
C SER A 425 -32.51 -45.17 -0.99
N SER A 426 -31.92 -44.71 0.11
CA SER A 426 -32.72 -44.35 1.31
C SER A 426 -31.99 -43.33 2.21
N ASP A 427 -32.76 -42.65 3.06
CA ASP A 427 -32.22 -41.84 4.19
C ASP A 427 -31.85 -42.80 5.32
N MET A 428 -30.65 -42.65 5.91
CA MET A 428 -30.17 -43.56 6.99
C MET A 428 -31.03 -43.41 8.25
N ARG A 429 -31.66 -42.24 8.47
CA ARG A 429 -32.56 -42.02 9.63
C ARG A 429 -33.90 -42.73 9.42
N GLU A 430 -34.36 -42.86 8.16
CA GLU A 430 -35.66 -43.50 7.84
C GLU A 430 -35.49 -45.01 7.64
N TRP A 431 -34.35 -45.44 7.06
CA TRP A 431 -34.16 -46.83 6.55
C TRP A 431 -34.37 -47.87 7.66
N VAL A 432 -35.23 -48.86 7.41
CA VAL A 432 -35.38 -50.06 8.28
C VAL A 432 -34.38 -51.12 7.80
N ALA A 433 -33.33 -51.38 8.58
CA ALA A 433 -32.25 -52.31 8.16
C ALA A 433 -32.72 -53.76 8.37
N PRO A 434 -32.38 -54.70 7.46
CA PRO A 434 -32.74 -56.12 7.63
C PRO A 434 -31.89 -56.84 8.69
N GLU A 435 -30.64 -56.39 8.88
CA GLU A 435 -29.73 -56.90 9.94
C GLU A 435 -28.94 -55.73 10.53
N LYS A 436 -28.43 -55.88 11.76
CA LYS A 436 -27.66 -54.80 12.43
C LYS A 436 -26.23 -54.78 11.90
N ALA A 437 -25.54 -53.65 12.10
CA ALA A 437 -24.18 -53.41 11.53
C ALA A 437 -23.10 -53.72 12.57
N ASP A 438 -22.01 -54.38 12.14
CA ASP A 438 -20.78 -54.52 12.96
C ASP A 438 -20.01 -53.20 12.91
N ILE A 439 -19.86 -52.62 11.71
CA ILE A 439 -19.17 -51.31 11.52
C ILE A 439 -20.06 -50.41 10.64
N ILE A 440 -20.18 -49.12 10.99
CA ILE A 440 -20.81 -48.10 10.10
C ILE A 440 -19.73 -47.10 9.67
N VAL A 441 -19.39 -47.09 8.38
CA VAL A 441 -18.42 -46.11 7.81
C VAL A 441 -19.22 -44.92 7.25
N SER A 442 -18.71 -43.69 7.41
CA SER A 442 -19.42 -42.49 6.87
C SER A 442 -18.40 -41.38 6.56
N GLU A 443 -18.78 -40.43 5.70
CA GLU A 443 -17.97 -39.21 5.45
C GLU A 443 -18.92 -38.01 5.38
N LEU A 444 -19.64 -37.76 6.48
CA LEU A 444 -20.67 -36.68 6.55
C LEU A 444 -20.08 -35.42 7.19
N LEU A 445 -18.76 -35.22 7.14
CA LEU A 445 -18.11 -34.07 7.85
C LEU A 445 -17.89 -32.91 6.87
N GLY A 446 -18.16 -31.69 7.31
CA GLY A 446 -17.79 -30.47 6.57
C GLY A 446 -16.51 -29.85 7.11
N SER A 447 -16.24 -28.60 6.74
CA SER A 447 -15.01 -27.87 7.17
C SER A 447 -15.08 -27.52 8.67
N PHE A 448 -16.30 -27.40 9.22
CA PHE A 448 -16.50 -27.17 10.68
C PHE A 448 -16.97 -28.47 11.36
N ALA A 449 -16.59 -29.64 10.81
CA ALA A 449 -16.96 -30.97 11.32
C ALA A 449 -18.47 -31.20 11.22
N ASP A 450 -19.25 -30.65 12.16
CA ASP A 450 -20.69 -31.01 12.36
C ASP A 450 -21.61 -30.13 11.50
N ASN A 451 -21.07 -29.28 10.62
CA ASN A 451 -21.87 -28.27 9.86
C ASN A 451 -22.64 -28.90 8.68
N GLU A 452 -22.49 -30.21 8.43
CA GLU A 452 -23.36 -30.95 7.48
C GLU A 452 -24.32 -31.87 8.25
N LEU A 453 -24.36 -31.77 9.58
CA LEU A 453 -25.32 -32.51 10.46
C LEU A 453 -25.02 -34.02 10.42
N SER A 454 -23.75 -34.39 10.61
CA SER A 454 -23.35 -35.81 10.84
C SER A 454 -23.91 -36.31 12.17
N PRO A 455 -23.90 -35.52 13.28
CA PRO A 455 -24.49 -35.96 14.55
C PRO A 455 -25.94 -36.44 14.43
N GLU A 456 -26.82 -35.64 13.82
CA GLU A 456 -28.27 -35.99 13.69
C GLU A 456 -28.42 -37.20 12.77
N CYS A 457 -27.62 -37.28 11.71
CA CYS A 457 -27.70 -38.37 10.71
C CYS A 457 -27.30 -39.72 11.33
N LEU A 458 -26.17 -39.76 12.04
CA LEU A 458 -25.71 -41.02 12.68
C LEU A 458 -26.57 -41.35 13.91
N ASP A 459 -27.09 -40.34 14.63
CA ASP A 459 -28.02 -40.57 15.76
C ASP A 459 -29.26 -41.36 15.28
N GLY A 460 -29.83 -40.97 14.14
CA GLY A 460 -30.98 -41.70 13.55
C GLY A 460 -30.57 -43.05 12.95
N ALA A 461 -29.30 -43.20 12.54
CA ALA A 461 -28.76 -44.46 12.01
C ALA A 461 -28.18 -45.36 13.13
N GLN A 462 -28.21 -44.90 14.38
CA GLN A 462 -27.57 -45.63 15.51
C GLN A 462 -28.36 -46.91 15.86
N HIS A 463 -29.69 -46.92 15.65
CA HIS A 463 -30.54 -48.04 16.12
C HIS A 463 -30.17 -49.37 15.44
N PHE A 464 -29.66 -49.33 14.20
CA PHE A 464 -29.24 -50.58 13.48
C PHE A 464 -27.73 -50.81 13.60
N LEU A 465 -27.04 -50.13 14.52
CA LEU A 465 -25.66 -50.53 14.94
C LEU A 465 -25.78 -51.56 16.07
N LYS A 466 -24.93 -52.60 16.06
CA LYS A 466 -24.96 -53.64 17.13
C LYS A 466 -24.42 -53.05 18.44
N ASP A 467 -24.64 -53.74 19.56
CA ASP A 467 -24.29 -53.23 20.92
C ASP A 467 -22.79 -52.95 21.03
N ASP A 468 -21.95 -53.75 20.34
CA ASP A 468 -20.47 -53.56 20.34
C ASP A 468 -20.01 -52.98 18.98
N GLY A 469 -20.87 -52.22 18.30
CA GLY A 469 -20.57 -51.75 16.94
C GLY A 469 -19.64 -50.55 16.91
N VAL A 470 -18.83 -50.42 15.85
CA VAL A 470 -17.84 -49.32 15.69
C VAL A 470 -18.38 -48.30 14.67
N SER A 471 -18.16 -47.01 14.92
CA SER A 471 -18.39 -45.96 13.89
C SER A 471 -17.04 -45.47 13.36
N ILE A 472 -16.93 -45.33 12.03
CA ILE A 472 -15.75 -44.67 11.38
C ILE A 472 -16.29 -43.50 10.55
N PRO A 473 -16.10 -42.23 10.95
CA PRO A 473 -15.34 -41.85 12.15
C PRO A 473 -16.07 -42.10 13.48
N GLY A 474 -15.31 -42.41 14.53
CA GLY A 474 -15.84 -42.58 15.89
C GLY A 474 -15.95 -41.27 16.65
N GLU A 475 -15.15 -40.25 16.28
CA GLU A 475 -15.11 -38.96 17.03
C GLU A 475 -14.68 -37.84 16.08
N TYR A 476 -15.26 -36.65 16.24
CA TYR A 476 -14.79 -35.45 15.50
C TYR A 476 -14.99 -34.19 16.36
N THR A 477 -14.08 -33.21 16.18
CA THR A 477 -14.05 -31.96 17.00
C THR A 477 -13.84 -30.77 16.06
N SER A 478 -14.64 -29.71 16.21
CA SER A 478 -14.45 -28.46 15.44
C SER A 478 -13.45 -27.55 16.19
N PHE A 479 -12.75 -26.68 15.45
CA PHE A 479 -11.78 -25.72 16.05
C PHE A 479 -12.10 -24.30 15.54
N LEU A 480 -11.91 -23.30 16.40
CA LEU A 480 -12.11 -21.86 16.04
C LEU A 480 -10.82 -21.08 16.31
N ALA A 481 -10.53 -20.08 15.48
CA ALA A 481 -9.42 -19.13 15.74
C ALA A 481 -9.82 -17.73 15.25
N PRO A 482 -9.57 -16.65 16.04
CA PRO A 482 -9.89 -15.30 15.60
C PRO A 482 -8.90 -14.84 14.51
N ILE A 483 -9.40 -14.11 13.50
CA ILE A 483 -8.55 -13.66 12.36
C ILE A 483 -8.76 -12.17 12.12
N SER A 484 -7.73 -11.51 11.61
CA SER A 484 -7.83 -10.13 11.05
C SER A 484 -7.67 -10.21 9.53
N SER A 485 -8.70 -9.77 8.78
CA SER A 485 -8.56 -9.51 7.33
C SER A 485 -9.56 -8.43 6.92
N SER A 486 -9.06 -7.21 6.71
CA SER A 486 -9.88 -6.10 6.14
C SER A 486 -10.29 -6.43 4.70
N LYS A 487 -9.51 -7.28 3.99
CA LYS A 487 -9.88 -7.76 2.64
C LYS A 487 -11.12 -8.66 2.73
N LEU A 488 -11.08 -9.71 3.54
CA LEU A 488 -12.23 -10.65 3.67
C LEU A 488 -13.44 -9.93 4.29
N TYR A 489 -13.21 -8.96 5.17
CA TYR A 489 -14.33 -8.12 5.68
C TYR A 489 -15.05 -7.44 4.50
N ASN A 490 -14.28 -6.84 3.57
CA ASN A 490 -14.85 -6.18 2.37
C ASN A 490 -15.53 -7.21 1.45
N GLU A 491 -14.94 -8.40 1.27
CA GLU A 491 -15.52 -9.47 0.42
C GLU A 491 -16.91 -9.85 0.96
N VAL A 492 -17.03 -10.00 2.28
CA VAL A 492 -18.33 -10.30 2.96
C VAL A 492 -19.27 -9.10 2.76
N ARG A 493 -18.79 -7.89 3.10
CA ARG A 493 -19.57 -6.62 2.97
C ARG A 493 -20.17 -6.46 1.57
N ALA A 494 -19.48 -6.96 0.52
CA ALA A 494 -19.94 -6.84 -0.88
C ALA A 494 -20.97 -7.92 -1.25
N CYS A 495 -21.37 -8.79 -0.31
CA CYS A 495 -22.40 -9.83 -0.58
C CYS A 495 -23.79 -9.38 -0.10
N ARG A 496 -24.08 -8.08 -0.11
CA ARG A 496 -25.43 -7.58 0.27
C ARG A 496 -26.40 -7.87 -0.88
N GLU A 497 -27.32 -8.82 -0.68
CA GLU A 497 -28.29 -9.24 -1.73
C GLU A 497 -29.57 -8.39 -1.61
N LYS A 498 -30.46 -8.53 -2.59
CA LYS A 498 -31.51 -7.52 -2.88
C LYS A 498 -32.75 -7.73 -2.00
N ASP A 499 -33.20 -8.97 -1.80
CA ASP A 499 -34.50 -9.24 -1.13
C ASP A 499 -34.26 -9.95 0.20
N ARG A 500 -33.44 -9.34 1.08
CA ARG A 500 -33.18 -9.92 2.42
C ARG A 500 -32.64 -8.84 3.37
N ASP A 501 -32.44 -9.19 4.64
CA ASP A 501 -31.80 -8.30 5.65
C ASP A 501 -30.50 -7.76 5.05
N PRO A 502 -30.23 -6.43 5.12
CA PRO A 502 -29.02 -5.86 4.54
C PRO A 502 -27.71 -6.27 5.23
N GLU A 503 -27.76 -6.80 6.45
CA GLU A 503 -26.56 -7.35 7.15
C GLU A 503 -26.65 -8.88 7.28
N ALA A 504 -27.37 -9.56 6.37
CA ALA A 504 -27.51 -11.03 6.40
C ALA A 504 -26.18 -11.71 6.04
N GLN A 505 -25.41 -11.09 5.13
CA GLN A 505 -24.07 -11.60 4.70
C GLN A 505 -23.12 -11.79 5.89
N PHE A 506 -23.23 -10.98 6.95
CA PHE A 506 -22.34 -11.09 8.13
C PHE A 506 -22.77 -12.21 9.09
N GLU A 507 -24.01 -12.73 8.96
CA GLU A 507 -24.56 -13.71 9.94
C GLU A 507 -24.60 -15.12 9.33
N MET A 508 -23.59 -15.50 8.54
CA MET A 508 -23.58 -16.84 7.91
C MET A 508 -22.13 -17.27 7.64
N PRO A 509 -21.82 -18.58 7.72
CA PRO A 509 -20.47 -19.07 7.44
C PRO A 509 -20.18 -19.12 5.94
N TYR A 510 -18.89 -19.07 5.57
CA TYR A 510 -18.44 -19.22 4.16
C TYR A 510 -17.25 -20.18 4.11
N VAL A 511 -17.29 -21.18 3.23
CA VAL A 511 -16.09 -21.99 2.90
C VAL A 511 -15.19 -21.12 2.02
N VAL A 512 -13.91 -20.99 2.38
CA VAL A 512 -12.99 -20.03 1.70
C VAL A 512 -11.53 -20.48 1.94
N ARG A 513 -10.71 -20.48 0.88
CA ARG A 513 -9.24 -20.61 1.05
C ARG A 513 -8.73 -19.30 1.64
N LEU A 514 -8.66 -19.21 2.97
CA LEU A 514 -8.14 -17.99 3.66
C LEU A 514 -6.68 -17.80 3.25
N HIS A 515 -6.33 -16.62 2.72
CA HIS A 515 -4.99 -16.38 2.11
C HIS A 515 -4.41 -15.07 2.65
N ASN A 516 -5.01 -13.93 2.31
CA ASN A 516 -4.59 -12.61 2.86
C ASN A 516 -5.31 -12.40 4.19
N PHE A 517 -4.73 -12.91 5.28
CA PHE A 517 -5.34 -12.80 6.64
C PHE A 517 -4.24 -12.91 7.70
N HIS A 518 -4.62 -12.69 8.96
CA HIS A 518 -3.69 -12.78 10.12
C HIS A 518 -4.37 -13.60 11.22
N GLN A 519 -3.84 -14.79 11.53
CA GLN A 519 -4.37 -15.60 12.67
C GLN A 519 -3.95 -14.92 13.98
N LEU A 520 -4.92 -14.42 14.75
CA LEU A 520 -4.63 -13.58 15.95
C LEU A 520 -4.37 -14.43 17.18
N SER A 521 -4.68 -15.73 17.14
CA SER A 521 -4.39 -16.65 18.28
C SER A 521 -4.44 -18.10 17.80
N ALA A 522 -3.77 -19.00 18.53
CA ALA A 522 -3.78 -20.44 18.17
C ALA A 522 -5.22 -20.97 18.28
N PRO A 523 -5.67 -21.86 17.36
CA PRO A 523 -7.04 -22.37 17.39
C PRO A 523 -7.30 -23.23 18.63
N GLN A 524 -8.54 -23.17 19.15
CA GLN A 524 -8.97 -23.95 20.35
C GLN A 524 -10.20 -24.77 19.96
N PRO A 525 -10.45 -25.94 20.62
CA PRO A 525 -11.57 -26.80 20.24
C PRO A 525 -12.91 -26.21 20.69
N CYS A 526 -13.93 -26.28 19.82
CA CYS A 526 -15.26 -25.66 20.06
C CYS A 526 -16.30 -26.73 20.42
N PHE A 527 -16.71 -27.56 19.45
CA PHE A 527 -17.76 -28.60 19.66
C PHE A 527 -17.18 -29.98 19.34
N THR A 528 -17.49 -30.98 20.18
CA THR A 528 -17.08 -32.39 19.95
C THR A 528 -18.34 -33.28 19.85
N PHE A 529 -18.27 -34.34 19.05
CA PHE A 529 -19.33 -35.38 18.99
C PHE A 529 -18.67 -36.77 18.93
N SER A 530 -19.28 -37.75 19.61
CA SER A 530 -18.76 -39.14 19.66
C SER A 530 -19.79 -40.09 19.02
N HIS A 531 -19.30 -41.16 18.37
CA HIS A 531 -20.19 -42.16 17.71
C HIS A 531 -19.65 -43.57 17.96
N PRO A 532 -20.44 -44.52 18.54
CA PRO A 532 -21.83 -44.29 18.92
C PRO A 532 -22.01 -43.34 20.12
N ASN A 533 -23.17 -42.68 20.18
CA ASN A 533 -23.58 -41.82 21.34
C ASN A 533 -24.43 -42.66 22.29
N ARG A 534 -23.80 -43.33 23.26
CA ARG A 534 -24.52 -44.21 24.22
C ARG A 534 -24.91 -43.39 25.46
N ASP A 535 -25.91 -42.51 25.31
CA ASP A 535 -26.44 -41.66 26.41
C ASP A 535 -27.96 -41.85 26.46
N PRO A 536 -28.57 -42.03 27.65
CA PRO A 536 -30.04 -42.13 27.74
C PRO A 536 -30.77 -40.89 27.19
N MET A 537 -30.19 -39.70 27.37
CA MET A 537 -30.75 -38.43 26.83
C MET A 537 -29.75 -37.81 25.85
N ILE A 538 -30.08 -37.82 24.56
CA ILE A 538 -29.19 -37.31 23.47
C ILE A 538 -29.54 -35.84 23.20
N ASP A 539 -28.57 -34.92 23.39
CA ASP A 539 -28.75 -33.48 23.00
C ASP A 539 -27.56 -33.07 22.12
N ASN A 540 -27.83 -32.72 20.86
CA ASN A 540 -26.79 -32.29 19.89
C ASN A 540 -26.60 -30.76 19.94
N ASN A 541 -27.46 -30.03 20.64
CA ASN A 541 -27.27 -28.55 20.83
C ASN A 541 -26.08 -28.31 21.77
N ARG A 542 -25.37 -27.21 21.55
CA ARG A 542 -24.11 -26.91 22.30
C ARG A 542 -24.06 -25.43 22.67
N TYR A 543 -23.27 -25.10 23.70
CA TYR A 543 -22.86 -23.70 24.01
C TYR A 543 -21.40 -23.74 24.50
N CYS A 544 -20.53 -22.94 23.88
CA CYS A 544 -19.08 -22.98 24.15
C CYS A 544 -18.55 -21.55 24.33
N THR A 545 -17.84 -21.30 25.43
CA THR A 545 -17.13 -20.01 25.67
C THR A 545 -15.63 -20.25 25.50
N LEU A 546 -15.01 -19.60 24.51
CA LEU A 546 -13.53 -19.66 24.31
C LEU A 546 -12.91 -18.31 24.68
N GLU A 547 -11.65 -18.33 25.13
CA GLU A 547 -10.87 -17.10 25.40
C GLU A 547 -9.54 -17.20 24.63
N PHE A 548 -9.25 -16.21 23.78
CA PHE A 548 -8.06 -16.21 22.89
C PHE A 548 -7.09 -15.11 23.34
N PRO A 549 -5.92 -15.45 23.93
CA PRO A 549 -4.88 -14.46 24.20
C PRO A 549 -4.34 -13.85 22.89
N VAL A 550 -4.35 -12.51 22.80
CA VAL A 550 -3.83 -11.76 21.62
C VAL A 550 -2.61 -10.94 22.07
N GLU A 551 -1.49 -11.08 21.36
CA GLU A 551 -0.20 -10.44 21.77
CA GLU A 551 -0.17 -10.49 21.73
C GLU A 551 0.15 -9.30 20.81
N VAL A 552 -0.77 -8.93 19.91
CA VAL A 552 -0.52 -7.86 18.90
C VAL A 552 -1.66 -6.83 18.94
N ASN A 553 -1.38 -5.61 18.45
CA ASN A 553 -2.44 -4.65 18.07
C ASN A 553 -3.03 -5.10 16.74
N THR A 554 -4.36 -5.09 16.59
CA THR A 554 -5.02 -5.61 15.37
C THR A 554 -6.50 -5.21 15.33
N VAL A 555 -7.22 -5.67 14.29
CA VAL A 555 -8.70 -5.50 14.18
C VAL A 555 -9.30 -6.89 13.92
N LEU A 556 -10.24 -7.32 14.77
CA LEU A 556 -10.93 -8.63 14.60
C LEU A 556 -12.02 -8.47 13.53
N HIS A 557 -11.99 -9.31 12.47
CA HIS A 557 -13.02 -9.28 11.40
C HIS A 557 -13.83 -10.59 11.35
N GLY A 558 -13.37 -11.68 11.97
CA GLY A 558 -14.16 -12.93 12.02
C GLY A 558 -13.43 -14.06 12.75
N PHE A 559 -13.93 -15.29 12.59
CA PHE A 559 -13.31 -16.49 13.23
C PHE A 559 -13.16 -17.60 12.18
N ALA A 560 -11.91 -18.02 11.92
CA ALA A 560 -11.64 -19.17 11.03
C ALA A 560 -12.10 -20.47 11.72
N GLY A 561 -12.62 -21.41 10.94
CA GLY A 561 -13.09 -22.70 11.48
C GLY A 561 -12.41 -23.87 10.79
N TYR A 562 -11.85 -24.80 11.58
CA TYR A 562 -11.22 -26.04 11.05
C TYR A 562 -11.86 -27.23 11.77
N PHE A 563 -11.38 -28.45 11.51
CA PHE A 563 -11.86 -29.64 12.25
C PHE A 563 -10.77 -30.72 12.29
N GLU A 564 -10.86 -31.60 13.29
CA GLU A 564 -10.12 -32.87 13.36
C GLU A 564 -11.12 -34.03 13.50
N THR A 565 -10.76 -35.23 13.06
CA THR A 565 -11.63 -36.42 13.27
C THR A 565 -10.78 -37.66 13.51
N VAL A 566 -11.24 -38.52 14.43
CA VAL A 566 -10.65 -39.88 14.64
C VAL A 566 -11.45 -40.85 13.78
N LEU A 567 -10.82 -41.41 12.73
CA LEU A 567 -11.47 -42.48 11.93
C LEU A 567 -11.50 -43.76 12.77
N TYR A 568 -10.35 -44.20 13.25
CA TYR A 568 -10.25 -45.38 14.16
C TYR A 568 -8.93 -45.32 14.93
N GLN A 569 -9.00 -45.26 16.26
CA GLN A 569 -7.79 -45.30 17.15
C GLN A 569 -6.86 -44.13 16.79
N ASP A 570 -5.73 -44.39 16.10
CA ASP A 570 -4.70 -43.36 15.82
C ASP A 570 -4.79 -42.85 14.37
N ILE A 571 -5.55 -43.52 13.51
CA ILE A 571 -5.75 -43.04 12.10
C ILE A 571 -6.70 -41.83 12.17
N THR A 572 -6.25 -40.66 11.73
CA THR A 572 -7.01 -39.38 11.90
C THR A 572 -7.01 -38.57 10.60
N LEU A 573 -8.01 -37.69 10.46
CA LEU A 573 -7.98 -36.64 9.41
C LEU A 573 -8.11 -35.27 10.09
N SER A 574 -7.44 -34.25 9.52
CA SER A 574 -7.40 -32.89 10.12
C SER A 574 -7.13 -31.85 9.03
N ILE A 575 -7.88 -30.75 9.03
CA ILE A 575 -7.54 -29.55 8.19
C ILE A 575 -7.06 -28.41 9.11
N ARG A 576 -6.82 -28.68 10.40
CA ARG A 576 -6.23 -27.68 11.33
C ARG A 576 -4.79 -27.41 10.90
N PRO A 577 -4.37 -26.15 10.66
CA PRO A 577 -3.08 -25.87 10.01
C PRO A 577 -1.88 -26.56 10.68
N GLU A 578 -1.82 -26.50 12.01
CA GLU A 578 -0.65 -27.01 12.78
C GLU A 578 -0.59 -28.55 12.74
N THR A 579 -1.75 -29.23 12.69
CA THR A 579 -1.81 -30.72 12.64
C THR A 579 -2.49 -31.16 11.34
N HIS A 580 -2.16 -30.52 10.20
CA HIS A 580 -2.88 -30.75 8.93
C HIS A 580 -2.52 -32.13 8.37
N SER A 581 -3.51 -32.84 7.81
CA SER A 581 -3.28 -34.17 7.19
C SER A 581 -2.57 -34.00 5.85
N PRO A 582 -1.83 -35.02 5.35
CA PRO A 582 -1.08 -34.88 4.11
C PRO A 582 -1.98 -34.86 2.85
N GLY A 583 -1.72 -33.93 1.94
CA GLY A 583 -2.29 -33.92 0.58
C GLY A 583 -3.80 -33.80 0.51
N MET A 584 -4.44 -33.17 1.52
CA MET A 584 -5.92 -33.01 1.54
C MET A 584 -6.25 -31.64 0.94
N PHE A 585 -5.99 -31.49 -0.37
CA PHE A 585 -5.82 -30.16 -1.03
C PHE A 585 -7.15 -29.43 -1.20
N SER A 586 -8.23 -30.16 -1.53
CA SER A 586 -9.52 -29.53 -1.92
C SER A 586 -10.27 -28.94 -0.70
N TRP A 587 -9.91 -29.35 0.52
CA TRP A 587 -10.74 -29.08 1.72
C TRP A 587 -10.34 -27.74 2.36
N PHE A 588 -11.04 -26.65 2.01
CA PHE A 588 -10.75 -25.30 2.54
C PHE A 588 -11.45 -25.08 3.88
N PRO A 589 -10.92 -24.18 4.75
CA PRO A 589 -11.56 -23.88 6.03
C PRO A 589 -12.82 -23.02 5.88
N ILE A 590 -13.57 -22.87 6.98
CA ILE A 590 -14.82 -22.06 7.01
C ILE A 590 -14.53 -20.72 7.68
N LEU A 591 -15.38 -19.71 7.46
CA LEU A 591 -15.19 -18.35 8.02
C LEU A 591 -16.51 -17.89 8.65
N PHE A 592 -16.48 -17.56 9.95
CA PHE A 592 -17.62 -16.90 10.64
C PHE A 592 -17.30 -15.42 10.78
N PRO A 593 -17.89 -14.52 9.95
CA PRO A 593 -17.58 -13.09 10.01
C PRO A 593 -18.34 -12.39 11.16
N ILE A 594 -18.02 -11.12 11.42
CA ILE A 594 -18.80 -10.27 12.36
C ILE A 594 -19.15 -8.95 11.64
N LYS A 595 -20.22 -8.28 12.10
CA LYS A 595 -20.80 -7.10 11.41
C LYS A 595 -19.87 -5.89 11.57
N GLN A 596 -19.48 -5.58 12.81
CA GLN A 596 -18.58 -4.43 13.11
C GLN A 596 -17.21 -4.98 13.46
N PRO A 597 -16.11 -4.60 12.75
CA PRO A 597 -14.76 -4.98 13.16
C PRO A 597 -14.42 -4.44 14.55
N ILE A 598 -13.81 -5.28 15.40
CA ILE A 598 -13.52 -4.93 16.82
C ILE A 598 -12.02 -4.60 16.95
N THR A 599 -11.70 -3.44 17.54
CA THR A 599 -10.29 -3.08 17.85
C THR A 599 -9.79 -3.99 18.98
N VAL A 600 -8.58 -4.56 18.82
CA VAL A 600 -7.98 -5.45 19.84
C VAL A 600 -6.55 -4.95 20.12
N ARG A 601 -6.28 -4.49 21.35
CA ARG A 601 -4.93 -4.05 21.77
C ARG A 601 -4.04 -5.26 22.05
N GLU A 602 -2.72 -5.04 22.03
CA GLU A 602 -1.72 -6.04 22.50
C GLU A 602 -1.99 -6.33 23.98
N GLY A 603 -2.11 -7.62 24.35
CA GLY A 603 -2.35 -8.04 25.75
C GLY A 603 -3.80 -8.46 26.00
N GLN A 604 -4.76 -7.90 25.25
CA GLN A 604 -6.21 -8.13 25.54
C GLN A 604 -6.63 -9.54 25.11
N THR A 605 -7.76 -10.02 25.64
CA THR A 605 -8.29 -11.36 25.35
C THR A 605 -9.54 -11.23 24.46
N ILE A 606 -9.56 -11.92 23.31
CA ILE A 606 -10.83 -12.06 22.52
C ILE A 606 -11.63 -13.21 23.15
N CYS A 607 -12.74 -12.88 23.80
CA CYS A 607 -13.70 -13.90 24.31
C CYS A 607 -14.83 -14.09 23.29
N VAL A 608 -14.88 -15.24 22.62
CA VAL A 608 -15.98 -15.54 21.65
C VAL A 608 -16.95 -16.55 22.27
N ARG A 609 -18.21 -16.45 21.90
CA ARG A 609 -19.28 -17.39 22.34
C ARG A 609 -19.82 -18.08 21.09
N PHE A 610 -20.04 -19.40 21.14
CA PHE A 610 -20.62 -20.14 19.99
C PHE A 610 -21.71 -21.07 20.49
N TRP A 611 -22.89 -20.99 19.86
CA TRP A 611 -24.00 -21.94 20.13
C TRP A 611 -24.22 -22.83 18.90
N ARG A 612 -24.50 -24.12 19.12
CA ARG A 612 -25.16 -24.96 18.08
C ARG A 612 -26.63 -25.13 18.50
N CYS A 613 -27.55 -24.70 17.64
CA CYS A 613 -29.00 -24.69 17.96
C CYS A 613 -29.74 -25.58 16.96
N SER A 614 -30.97 -25.97 17.29
CA SER A 614 -31.76 -26.84 16.37
C SER A 614 -33.25 -26.83 16.75
N ASN A 615 -34.10 -27.10 15.75
CA ASN A 615 -35.49 -27.59 15.99
C ASN A 615 -35.62 -28.89 15.19
N SER A 616 -36.84 -29.42 15.03
CA SER A 616 -37.07 -30.60 14.16
C SER A 616 -36.68 -30.30 12.70
N LYS A 617 -36.85 -29.05 12.25
CA LYS A 617 -36.67 -28.69 10.82
C LYS A 617 -35.21 -28.33 10.51
N LYS A 618 -34.58 -27.48 11.32
CA LYS A 618 -33.29 -26.83 10.96
C LYS A 618 -32.25 -26.96 12.09
N VAL A 619 -30.97 -27.02 11.71
CA VAL A 619 -29.82 -26.84 12.65
C VAL A 619 -29.08 -25.57 12.22
N TRP A 620 -28.52 -24.81 13.17
CA TRP A 620 -27.81 -23.56 12.84
C TRP A 620 -26.80 -23.17 13.93
N TYR A 621 -25.83 -22.32 13.57
CA TYR A 621 -24.87 -21.72 14.53
C TYR A 621 -25.30 -20.30 14.87
N GLU A 622 -25.14 -19.92 16.14
CA GLU A 622 -25.15 -18.50 16.57
C GLU A 622 -23.79 -18.21 17.22
N TRP A 623 -23.37 -16.94 17.23
CA TRP A 623 -22.06 -16.58 17.85
C TRP A 623 -22.04 -15.10 18.25
N ALA A 624 -21.25 -14.77 19.28
CA ALA A 624 -21.10 -13.37 19.74
C ALA A 624 -19.71 -13.18 20.36
N VAL A 625 -19.08 -12.04 20.09
CA VAL A 625 -17.85 -11.61 20.84
C VAL A 625 -18.32 -10.87 22.10
N THR A 626 -17.75 -11.20 23.27
CA THR A 626 -18.12 -10.56 24.56
C THR A 626 -16.95 -9.74 25.13
N ALA A 627 -15.70 -10.04 24.74
CA ALA A 627 -14.52 -9.22 25.10
C ALA A 627 -13.56 -9.14 23.91
N PRO A 628 -12.74 -8.07 23.75
CA PRO A 628 -12.66 -6.95 24.69
C PRO A 628 -13.85 -5.96 24.65
N VAL A 629 -14.69 -6.02 23.60
CA VAL A 629 -16.00 -5.30 23.59
C VAL A 629 -17.08 -6.26 23.10
N CYS A 630 -18.35 -5.92 23.36
CA CYS A 630 -19.49 -6.82 23.12
C CYS A 630 -20.04 -6.62 21.70
N SER A 631 -20.21 -7.72 20.94
CA SER A 631 -20.91 -7.68 19.64
C SER A 631 -22.37 -8.08 19.83
N ALA A 632 -23.20 -7.88 18.80
CA ALA A 632 -24.57 -8.44 18.77
C ALA A 632 -24.48 -9.96 18.59
N ILE A 633 -25.50 -10.70 19.05
CA ILE A 633 -25.58 -12.16 18.75
C ILE A 633 -25.89 -12.31 17.26
N HIS A 634 -25.07 -13.08 16.55
CA HIS A 634 -25.17 -13.27 15.08
C HIS A 634 -26.07 -14.47 14.77
N ASN A 635 -26.96 -14.32 13.78
CA ASN A 635 -27.84 -15.41 13.26
C ASN A 635 -28.79 -15.92 14.36
N PRO A 636 -29.42 -15.04 15.17
CA PRO A 636 -30.34 -15.50 16.22
C PRO A 636 -31.56 -16.21 15.62
N THR A 637 -31.83 -17.45 16.08
CA THR A 637 -32.93 -18.30 15.55
C THR A 637 -32.71 -18.60 14.05
N GLY A 638 -31.45 -18.66 13.60
CA GLY A 638 -31.12 -18.97 12.20
C GLY A 638 -31.82 -18.07 11.20
N ARG A 639 -31.97 -16.77 11.50
CA ARG A 639 -32.75 -15.85 10.62
C ARG A 639 -32.02 -15.65 9.28
N SER A 640 -30.69 -15.70 9.27
CA SER A 640 -29.87 -15.48 8.06
C SER A 640 -29.26 -16.78 7.54
N TYR A 641 -29.12 -17.82 8.38
CA TYR A 641 -28.48 -19.09 7.94
C TYR A 641 -29.06 -20.27 8.72
N THR A 642 -29.49 -21.30 8.00
CA THR A 642 -29.91 -22.60 8.59
C THR A 642 -29.29 -23.74 7.79
N ILE A 643 -28.98 -24.85 8.47
CA ILE A 643 -28.56 -26.12 7.81
C ILE A 643 -29.78 -27.05 7.83
N GLY A 644 -30.22 -27.52 6.67
CA GLY A 644 -31.48 -28.28 6.58
C GLY A 644 -31.33 -29.72 7.05
N LEU A 645 -32.25 -30.17 7.92
CA LEU A 645 -32.40 -31.62 8.24
C LEU A 645 -33.30 -32.29 7.20
N PRO B 28 20.73 32.34 -31.22
CA PRO B 28 21.89 31.60 -31.81
C PRO B 28 23.21 31.95 -31.13
N PRO B 29 24.32 31.20 -31.33
CA PRO B 29 24.33 29.93 -32.07
C PRO B 29 24.10 28.69 -31.19
N ASN B 30 23.49 27.65 -31.76
CA ASN B 30 23.21 26.36 -31.07
C ASN B 30 22.34 26.62 -29.83
N ALA B 31 21.17 27.24 -30.04
CA ALA B 31 20.25 27.63 -28.94
C ALA B 31 18.81 27.59 -29.45
N PRO B 32 17.80 27.37 -28.56
CA PRO B 32 16.41 27.24 -29.00
C PRO B 32 15.79 28.59 -29.40
N ALA B 33 14.80 28.56 -30.31
CA ALA B 33 14.16 29.79 -30.81
C ALA B 33 13.23 30.37 -29.73
N CYS B 34 12.26 29.56 -29.28
CA CYS B 34 11.23 30.02 -28.31
C CYS B 34 11.68 29.72 -26.86
N MET B 35 11.66 30.75 -25.99
CA MET B 35 11.93 30.56 -24.54
C MET B 35 10.67 30.06 -23.85
N GLU B 36 10.83 29.27 -22.78
CA GLU B 36 9.68 28.64 -22.06
C GLU B 36 8.91 29.69 -21.27
N ARG B 37 7.60 29.45 -21.06
CA ARG B 37 6.64 30.44 -20.50
C ARG B 37 7.02 30.81 -19.05
N GLN B 38 7.23 29.81 -18.18
CA GLN B 38 7.29 30.04 -16.72
C GLN B 38 8.73 30.42 -16.32
N LEU B 39 8.99 31.73 -16.13
CA LEU B 39 10.32 32.22 -15.68
C LEU B 39 10.48 31.93 -14.18
N GLU B 40 11.53 31.19 -13.81
CA GLU B 40 11.71 30.68 -12.42
C GLU B 40 12.77 31.50 -11.68
N ALA B 41 13.95 31.69 -12.29
CA ALA B 41 15.12 32.32 -11.61
C ALA B 41 15.57 33.57 -12.37
N ALA B 42 16.14 34.55 -11.64
CA ALA B 42 16.74 35.76 -12.23
C ALA B 42 17.86 36.26 -11.31
N ARG B 43 19.11 36.28 -11.80
CA ARG B 43 20.29 36.65 -10.97
C ARG B 43 21.22 37.57 -11.76
N TYR B 44 21.84 38.54 -11.08
CA TYR B 44 22.89 39.42 -11.68
C TYR B 44 24.28 38.94 -11.22
N ARG B 45 25.25 38.90 -12.15
CA ARG B 45 26.68 38.73 -11.79
C ARG B 45 27.33 40.10 -11.59
N SER B 46 28.62 40.13 -11.25
CA SER B 46 29.34 41.39 -10.91
C SER B 46 29.20 42.44 -12.02
N ASP B 47 29.50 42.07 -13.27
CA ASP B 47 29.52 43.06 -14.39
C ASP B 47 28.10 43.40 -14.86
N GLY B 48 27.06 42.69 -14.37
CA GLY B 48 25.66 43.12 -14.56
C GLY B 48 24.93 42.37 -15.67
N ALA B 49 25.45 41.20 -16.08
CA ALA B 49 24.74 40.32 -17.05
C ALA B 49 23.65 39.54 -16.30
N LEU B 50 22.45 39.46 -16.87
CA LEU B 50 21.27 38.85 -16.19
C LEU B 50 21.15 37.37 -16.58
N LEU B 51 21.19 36.47 -15.58
CA LEU B 51 20.97 35.01 -15.80
C LEU B 51 19.49 34.70 -15.57
N LEU B 52 18.74 34.42 -16.65
CA LEU B 52 17.32 33.99 -16.56
C LEU B 52 17.24 32.47 -16.75
N GLY B 53 16.59 31.77 -15.80
CA GLY B 53 16.25 30.34 -15.95
C GLY B 53 14.76 30.15 -16.12
N ALA B 54 14.34 29.18 -16.95
CA ALA B 54 12.91 29.02 -17.31
C ALA B 54 12.53 27.54 -17.39
N SER B 55 11.27 27.23 -17.07
CA SER B 55 10.68 25.87 -17.25
C SER B 55 9.41 25.99 -18.09
N SER B 56 9.09 24.97 -18.90
CA SER B 56 7.71 24.79 -19.40
C SER B 56 6.94 23.92 -18.41
N LEU B 57 6.08 24.54 -17.58
CA LEU B 57 5.29 23.80 -16.55
C LEU B 57 3.94 23.35 -17.12
N SER B 58 3.69 23.56 -18.43
CA SER B 58 2.51 22.99 -19.12
C SER B 58 2.84 22.78 -20.60
N GLY B 59 1.87 22.24 -21.37
CA GLY B 59 2.04 21.99 -22.81
C GLY B 59 2.63 20.62 -23.09
N ARG B 60 2.99 20.36 -24.36
CA ARG B 60 3.47 19.03 -24.82
C ARG B 60 4.76 18.65 -24.07
N CYS B 61 5.80 19.48 -24.16
CA CYS B 61 7.16 19.16 -23.63
C CYS B 61 7.40 19.91 -22.31
N TRP B 62 7.77 19.18 -21.24
CA TRP B 62 8.07 19.79 -19.91
C TRP B 62 9.59 19.86 -19.71
N ALA B 63 10.26 20.70 -20.51
CA ALA B 63 11.73 20.89 -20.44
C ALA B 63 12.05 22.21 -19.72
N GLY B 64 13.32 22.61 -19.73
CA GLY B 64 13.73 23.94 -19.23
C GLY B 64 14.82 24.54 -20.12
N SER B 65 15.39 25.67 -19.68
CA SER B 65 16.40 26.40 -20.50
C SER B 65 17.16 27.42 -19.64
N LEU B 66 18.42 27.69 -20.01
CA LEU B 66 19.28 28.69 -19.33
C LEU B 66 19.61 29.80 -20.33
N TRP B 67 19.57 31.07 -19.88
CA TRP B 67 19.74 32.24 -20.79
C TRP B 67 20.73 33.24 -20.18
N LEU B 68 21.31 34.10 -21.03
CA LEU B 68 22.23 35.19 -20.58
C LEU B 68 21.85 36.49 -21.29
N PHE B 69 21.70 37.59 -20.54
CA PHE B 69 21.33 38.91 -21.10
C PHE B 69 22.32 39.97 -20.61
N LYS B 70 23.30 40.31 -21.47
CA LYS B 70 24.26 41.41 -21.18
C LYS B 70 23.53 42.77 -21.30
N ASP B 71 22.43 42.82 -22.06
CA ASP B 71 21.43 43.91 -21.99
C ASP B 71 20.22 43.42 -21.20
N PRO B 72 20.07 43.73 -19.89
CA PRO B 72 18.92 43.31 -19.11
C PRO B 72 17.56 43.82 -19.63
N CYS B 73 17.55 45.04 -20.21
CA CYS B 73 16.32 45.66 -20.76
C CYS B 73 15.77 44.86 -21.94
N ALA B 74 16.63 44.14 -22.68
CA ALA B 74 16.21 43.33 -23.85
C ALA B 74 15.33 42.14 -23.42
N ALA B 75 15.54 41.60 -22.21
CA ALA B 75 14.79 40.41 -21.73
C ALA B 75 13.31 40.78 -21.54
N PRO B 76 12.35 39.83 -21.75
CA PRO B 76 12.64 38.43 -22.07
C PRO B 76 12.76 38.09 -23.57
N ASN B 77 13.05 39.07 -24.44
CA ASN B 77 13.07 38.83 -25.91
C ASN B 77 14.24 37.93 -26.29
N GLU B 78 13.97 36.83 -27.01
CA GLU B 78 14.97 35.75 -27.26
C GLU B 78 16.04 36.23 -28.25
N GLY B 79 15.62 36.90 -29.34
CA GLY B 79 16.54 37.33 -30.41
C GLY B 79 17.63 38.28 -29.92
N PHE B 80 17.33 39.11 -28.90
CA PHE B 80 18.30 40.09 -28.34
C PHE B 80 18.87 39.55 -27.02
N CYS B 81 19.59 38.41 -27.09
CA CYS B 81 20.26 37.81 -25.90
C CYS B 81 21.69 37.39 -26.25
N SER B 82 22.55 37.25 -25.23
CA SER B 82 23.99 36.92 -25.42
C SER B 82 24.17 35.42 -25.64
N ALA B 83 23.56 34.59 -24.80
CA ALA B 83 23.71 33.11 -24.87
C ALA B 83 22.40 32.41 -24.50
N GLY B 84 22.25 31.14 -24.90
CA GLY B 84 21.07 30.33 -24.58
C GLY B 84 21.32 28.84 -24.80
N VAL B 85 20.63 27.96 -24.06
CA VAL B 85 20.81 26.50 -24.23
C VAL B 85 19.57 25.75 -23.73
N GLN B 86 19.30 24.57 -24.32
CA GLN B 86 18.18 23.68 -23.91
C GLN B 86 18.68 22.71 -22.83
N THR B 87 17.95 22.58 -21.72
CA THR B 87 18.18 21.50 -20.72
C THR B 87 17.19 20.35 -20.98
N GLU B 88 17.46 19.16 -20.43
CA GLU B 88 16.60 17.97 -20.66
C GLU B 88 15.27 18.10 -19.92
N ALA B 89 15.29 18.64 -18.70
CA ALA B 89 14.10 18.77 -17.84
C ALA B 89 13.96 20.22 -17.36
N GLY B 90 12.91 20.51 -16.57
CA GLY B 90 12.64 21.88 -16.09
C GLY B 90 13.65 22.36 -15.06
N VAL B 91 13.66 23.67 -14.81
CA VAL B 91 14.61 24.33 -13.86
C VAL B 91 13.79 24.81 -12.65
N ALA B 92 13.98 24.16 -11.49
CA ALA B 92 13.27 24.55 -10.24
C ALA B 92 13.99 25.72 -9.56
N ASP B 93 15.33 25.75 -9.62
CA ASP B 93 16.13 26.87 -9.07
C ASP B 93 17.52 26.86 -9.72
N LEU B 94 18.22 28.00 -9.76
CA LEU B 94 19.65 28.04 -10.16
C LEU B 94 20.38 29.16 -9.40
N THR B 95 21.70 29.25 -9.59
CA THR B 95 22.52 30.33 -8.99
C THR B 95 23.86 30.40 -9.73
N TRP B 96 24.54 31.56 -9.64
CA TRP B 96 25.89 31.74 -10.23
C TRP B 96 26.93 30.92 -9.45
N VAL B 97 28.01 30.50 -10.12
CA VAL B 97 29.23 29.95 -9.46
C VAL B 97 30.38 30.87 -9.83
N GLY B 98 30.55 31.97 -9.07
CA GLY B 98 31.47 33.04 -9.45
C GLY B 98 30.94 33.84 -10.63
N GLU B 99 31.73 33.95 -11.71
CA GLU B 99 31.40 34.84 -12.86
C GLU B 99 30.93 34.05 -14.08
N ARG B 100 31.38 32.78 -14.25
CA ARG B 100 31.12 32.01 -15.50
C ARG B 100 30.17 30.83 -15.26
N GLY B 101 30.37 30.07 -14.17
CA GLY B 101 29.60 28.83 -13.93
C GLY B 101 28.15 29.08 -13.56
N ILE B 102 27.27 28.12 -13.85
CA ILE B 102 25.80 28.20 -13.55
C ILE B 102 25.37 26.89 -12.91
N LEU B 103 25.09 26.90 -11.60
CA LEU B 103 24.61 25.69 -10.86
C LEU B 103 23.08 25.64 -10.98
N VAL B 104 22.52 24.45 -11.31
CA VAL B 104 21.08 24.33 -11.69
C VAL B 104 20.46 23.15 -10.91
N ALA B 105 19.23 23.35 -10.41
CA ALA B 105 18.45 22.31 -9.70
C ALA B 105 17.36 21.75 -10.62
N SER B 106 17.48 20.50 -11.05
CA SER B 106 16.64 19.92 -12.14
C SER B 106 15.44 19.15 -11.57
N ASP B 107 14.40 18.97 -12.39
CA ASP B 107 13.25 18.09 -12.05
C ASP B 107 13.69 16.62 -12.05
N SER B 108 14.68 16.26 -12.88
CA SER B 108 15.12 14.85 -13.08
C SER B 108 15.70 14.23 -11.80
N GLY B 109 16.09 15.05 -10.82
CA GLY B 109 16.75 14.56 -9.59
C GLY B 109 18.26 14.61 -9.74
N ALA B 110 18.75 15.74 -10.26
CA ALA B 110 20.18 15.89 -10.61
C ALA B 110 20.57 17.38 -10.45
N VAL B 111 21.77 17.62 -9.94
CA VAL B 111 22.37 18.98 -9.93
C VAL B 111 23.24 19.09 -11.19
N GLU B 112 22.93 20.04 -12.08
CA GLU B 112 23.74 20.29 -13.31
C GLU B 112 24.69 21.47 -13.07
N LEU B 113 25.91 21.39 -13.58
CA LEU B 113 26.82 22.57 -13.66
C LEU B 113 27.08 22.89 -15.14
N TRP B 114 26.71 24.12 -15.55
CA TRP B 114 26.99 24.62 -16.92
C TRP B 114 28.05 25.72 -16.84
N GLU B 115 29.10 25.64 -17.67
CA GLU B 115 30.16 26.68 -17.73
C GLU B 115 30.11 27.40 -19.10
N LEU B 116 30.37 28.71 -19.12
CA LEU B 116 30.43 29.49 -20.38
C LEU B 116 31.77 29.19 -21.08
N ASP B 117 31.80 29.33 -22.42
CA ASP B 117 33.03 29.09 -23.22
C ASP B 117 33.95 30.33 -23.11
N GLU B 118 34.99 30.41 -23.95
CA GLU B 118 35.97 31.54 -23.91
C GLU B 118 35.28 32.88 -24.19
N ASN B 119 34.49 32.94 -25.27
CA ASN B 119 33.82 34.21 -25.71
C ASN B 119 32.44 34.38 -25.06
N GLU B 120 31.98 33.40 -24.27
CA GLU B 120 30.66 33.44 -23.56
C GLU B 120 29.50 33.48 -24.58
N THR B 121 29.67 32.84 -25.74
CA THR B 121 28.58 32.72 -26.76
C THR B 121 27.73 31.49 -26.46
N LEU B 122 28.39 30.34 -26.20
CA LEU B 122 27.71 29.07 -25.88
C LEU B 122 27.58 28.88 -24.37
N ILE B 123 26.70 27.98 -23.94
CA ILE B 123 26.61 27.50 -22.52
C ILE B 123 26.80 25.99 -22.55
N VAL B 124 27.97 25.50 -22.16
CA VAL B 124 28.34 24.05 -22.25
C VAL B 124 28.10 23.40 -20.87
N SER B 125 27.55 22.18 -20.86
CA SER B 125 27.36 21.40 -19.60
C SER B 125 28.71 20.83 -19.15
N LYS B 126 29.10 21.10 -17.90
CA LYS B 126 30.34 20.52 -17.31
C LYS B 126 30.03 19.11 -16.78
N PHE B 127 28.95 18.97 -16.00
CA PHE B 127 28.50 17.63 -15.53
C PHE B 127 26.98 17.64 -15.26
N CYS B 128 26.42 16.45 -15.07
CA CYS B 128 24.98 16.26 -14.72
C CYS B 128 24.84 14.98 -13.90
N LYS B 129 25.03 15.06 -12.58
CA LYS B 129 25.09 13.87 -11.69
C LYS B 129 23.70 13.61 -11.09
N TYR B 130 23.13 12.43 -11.38
CA TYR B 130 21.76 12.07 -10.90
C TYR B 130 21.86 11.43 -9.51
N GLU B 131 21.79 12.25 -8.45
CA GLU B 131 22.01 11.77 -7.05
C GLU B 131 20.72 11.84 -6.23
N HIS B 132 19.85 12.84 -6.45
CA HIS B 132 18.56 12.96 -5.71
C HIS B 132 17.54 11.95 -6.26
N ASP B 133 16.63 11.47 -5.39
CA ASP B 133 15.59 10.47 -5.76
C ASP B 133 14.30 11.18 -6.21
N ASP B 134 14.18 12.49 -5.98
CA ASP B 134 12.97 13.27 -6.36
C ASP B 134 13.43 14.61 -6.95
N ILE B 135 12.49 15.51 -7.27
CA ILE B 135 12.83 16.86 -7.84
C ILE B 135 13.80 17.58 -6.91
N VAL B 136 14.86 18.17 -7.48
CA VAL B 136 15.77 19.08 -6.74
C VAL B 136 15.10 20.46 -6.75
N SER B 137 14.72 20.96 -5.57
CA SER B 137 13.88 22.18 -5.45
C SER B 137 14.77 23.42 -5.24
N THR B 138 15.76 23.32 -4.36
CA THR B 138 16.55 24.49 -3.89
C THR B 138 18.05 24.19 -3.97
N VAL B 139 18.85 25.21 -4.32
CA VAL B 139 20.33 25.05 -4.43
C VAL B 139 21.00 26.37 -4.04
N SER B 140 22.19 26.30 -3.44
CA SER B 140 22.92 27.50 -2.96
C SER B 140 24.42 27.20 -2.88
N VAL B 141 25.25 28.12 -3.40
CA VAL B 141 26.73 27.95 -3.41
C VAL B 141 27.29 28.45 -2.07
N LEU B 142 28.28 27.74 -1.52
CA LEU B 142 28.86 28.07 -0.19
C LEU B 142 29.86 29.24 -0.32
N SER B 143 30.34 29.74 0.82
CA SER B 143 31.22 30.95 0.86
C SER B 143 32.49 30.74 0.04
N SER B 144 33.10 29.54 0.11
CA SER B 144 34.37 29.23 -0.59
C SER B 144 34.22 29.40 -2.11
N GLY B 145 33.20 28.76 -2.69
CA GLY B 145 32.98 28.78 -4.16
C GLY B 145 33.38 27.47 -4.83
N THR B 146 34.18 26.62 -4.14
CA THR B 146 34.56 25.28 -4.64
C THR B 146 33.48 24.23 -4.29
N GLN B 147 32.56 24.55 -3.37
CA GLN B 147 31.52 23.60 -2.89
C GLN B 147 30.15 24.27 -2.94
N ALA B 148 29.08 23.46 -2.86
CA ALA B 148 27.67 23.97 -2.85
C ALA B 148 26.76 22.98 -2.12
N VAL B 149 25.51 23.39 -1.85
CA VAL B 149 24.51 22.53 -1.14
C VAL B 149 23.18 22.56 -1.93
N SER B 150 22.50 21.41 -1.98
CA SER B 150 21.19 21.26 -2.68
C SER B 150 20.13 20.76 -1.71
N GLY B 151 18.85 21.01 -2.03
CA GLY B 151 17.69 20.48 -1.28
C GLY B 151 16.62 19.94 -2.22
N SER B 152 16.02 18.80 -1.89
CA SER B 152 15.13 18.06 -2.83
C SER B 152 13.80 17.71 -2.18
N LYS B 153 12.84 17.24 -2.99
CA LYS B 153 11.57 16.68 -2.49
C LYS B 153 11.80 15.27 -1.88
N ASP B 154 12.96 14.64 -2.15
CA ASP B 154 13.33 13.34 -1.54
C ASP B 154 13.67 13.50 -0.04
N ILE B 155 13.62 14.72 0.50
CA ILE B 155 13.80 15.02 1.97
C ILE B 155 15.30 15.28 2.26
N CYS B 156 16.22 14.80 1.41
CA CYS B 156 17.67 14.85 1.74
C CYS B 156 18.27 16.22 1.42
N ILE B 157 19.38 16.56 2.09
CA ILE B 157 20.23 17.73 1.75
C ILE B 157 21.64 17.19 1.47
N LYS B 158 22.22 17.55 0.31
CA LYS B 158 23.54 17.02 -0.12
C LYS B 158 24.54 18.17 -0.26
N VAL B 159 25.74 18.00 0.32
CA VAL B 159 26.87 18.96 0.13
C VAL B 159 27.73 18.45 -1.03
N TRP B 160 27.94 19.30 -2.04
CA TRP B 160 28.65 18.90 -3.29
C TRP B 160 30.06 19.52 -3.33
N ASP B 161 31.01 18.83 -3.97
CA ASP B 161 32.31 19.42 -4.38
C ASP B 161 32.26 19.68 -5.88
N LEU B 162 32.39 20.95 -6.30
CA LEU B 162 32.19 21.36 -7.71
C LEU B 162 33.42 21.03 -8.56
N ALA B 163 34.62 20.96 -7.95
CA ALA B 163 35.84 20.52 -8.66
C ALA B 163 35.77 19.01 -8.95
N GLN B 164 35.58 18.19 -7.91
CA GLN B 164 35.62 16.71 -8.03
C GLN B 164 34.29 16.17 -8.57
N GLN B 165 33.21 16.97 -8.53
CA GLN B 165 31.89 16.60 -9.14
C GLN B 165 31.32 15.38 -8.41
N VAL B 166 31.26 15.42 -7.07
CA VAL B 166 30.80 14.26 -6.25
C VAL B 166 30.05 14.79 -5.01
N VAL B 167 29.27 13.91 -4.38
CA VAL B 167 28.60 14.20 -3.08
C VAL B 167 29.59 13.90 -1.95
N LEU B 168 30.03 14.93 -1.22
CA LEU B 168 30.92 14.74 -0.03
C LEU B 168 30.09 14.14 1.12
N SER B 169 28.96 14.77 1.45
CA SER B 169 28.07 14.33 2.56
C SER B 169 26.61 14.30 2.09
N SER B 170 25.80 13.38 2.65
CA SER B 170 24.35 13.26 2.34
C SER B 170 23.56 13.18 3.65
N TYR B 171 22.71 14.19 3.91
CA TYR B 171 22.03 14.35 5.22
C TYR B 171 20.51 14.17 5.06
N ARG B 172 19.92 13.26 5.85
CA ARG B 172 18.44 13.11 5.94
C ARG B 172 18.00 13.65 7.31
N ALA B 173 18.00 14.99 7.45
CA ALA B 173 17.63 15.66 8.73
C ALA B 173 16.11 15.81 8.82
N HIS B 174 15.48 16.26 7.73
CA HIS B 174 14.02 16.60 7.75
C HIS B 174 13.14 15.35 7.62
N ALA B 175 11.82 15.53 7.76
CA ALA B 175 10.83 14.45 7.58
C ALA B 175 9.83 14.82 6.46
N ALA B 176 10.21 15.73 5.57
CA ALA B 176 9.32 16.21 4.48
C ALA B 176 10.15 16.92 3.40
N GLN B 177 9.49 17.46 2.36
CA GLN B 177 10.18 18.14 1.22
C GLN B 177 11.07 19.28 1.74
N VAL B 178 12.30 19.38 1.23
CA VAL B 178 13.23 20.50 1.56
C VAL B 178 12.85 21.71 0.70
N THR B 179 12.29 22.76 1.31
CA THR B 179 11.68 23.87 0.54
C THR B 179 12.77 24.84 0.06
N CYS B 180 13.61 25.33 0.98
CA CYS B 180 14.68 26.30 0.63
C CYS B 180 15.93 26.02 1.47
N VAL B 181 17.11 26.06 0.85
CA VAL B 181 18.43 26.04 1.56
C VAL B 181 19.19 27.32 1.19
N ALA B 182 19.85 27.94 2.18
CA ALA B 182 20.57 29.22 1.96
C ALA B 182 21.95 29.13 2.62
N ALA B 183 23.02 29.18 1.80
CA ALA B 183 24.40 29.08 2.31
C ALA B 183 24.74 30.33 3.13
N SER B 184 25.58 30.18 4.16
CA SER B 184 26.10 31.35 4.92
C SER B 184 26.94 32.20 3.98
N PRO B 185 26.89 33.56 4.06
CA PRO B 185 27.68 34.42 3.18
C PRO B 185 29.20 34.24 3.30
N HIS B 186 29.72 34.12 4.54
CA HIS B 186 31.19 34.19 4.79
C HIS B 186 31.74 32.93 5.48
N LYS B 187 30.93 31.88 5.70
CA LYS B 187 31.38 30.65 6.41
C LYS B 187 31.03 29.43 5.57
N ASP B 188 32.04 28.67 5.12
CA ASP B 188 31.84 27.52 4.19
C ASP B 188 31.08 26.38 4.89
N SER B 189 31.28 26.22 6.20
CA SER B 189 30.62 25.13 6.98
C SER B 189 29.14 25.44 7.22
N VAL B 190 28.80 26.68 7.59
CA VAL B 190 27.43 27.03 8.08
C VAL B 190 26.47 27.20 6.90
N PHE B 191 25.21 26.79 7.07
CA PHE B 191 24.11 27.11 6.11
C PHE B 191 22.75 26.86 6.78
N LEU B 192 21.67 27.39 6.17
CA LEU B 192 20.29 27.18 6.69
C LEU B 192 19.54 26.18 5.80
N SER B 193 18.46 25.61 6.33
CA SER B 193 17.49 24.82 5.52
C SER B 193 16.10 24.95 6.15
N CYS B 194 15.05 24.84 5.34
CA CYS B 194 13.65 24.82 5.84
C CYS B 194 12.84 23.80 5.03
N SER B 195 11.72 23.32 5.59
CA SER B 195 11.02 22.14 5.03
C SER B 195 9.56 22.11 5.50
N GLU B 196 8.75 21.26 4.86
CA GLU B 196 7.30 21.11 5.19
C GLU B 196 7.11 20.27 6.46
N ASP B 197 8.21 19.88 7.15
CA ASP B 197 8.15 19.32 8.53
C ASP B 197 8.17 20.46 9.57
N ASN B 198 8.16 21.73 9.13
CA ASN B 198 8.03 22.91 10.03
C ASN B 198 9.35 23.14 10.80
N ARG B 199 10.48 22.64 10.30
CA ARG B 199 11.80 22.80 10.95
C ARG B 199 12.59 23.90 10.22
N ILE B 200 13.30 24.75 10.98
CA ILE B 200 14.32 25.67 10.41
C ILE B 200 15.67 25.27 11.03
N LEU B 201 16.51 24.56 10.27
CA LEU B 201 17.78 23.99 10.81
C LEU B 201 18.95 24.93 10.52
N LEU B 202 19.67 25.36 11.57
CA LEU B 202 21.00 26.01 11.40
C LEU B 202 22.06 24.90 11.31
N TRP B 203 22.82 24.85 10.20
CA TRP B 203 23.82 23.76 9.99
C TRP B 203 25.21 24.26 10.39
N ASP B 204 26.10 23.31 10.72
CA ASP B 204 27.54 23.60 10.97
C ASP B 204 28.28 22.26 10.83
N THR B 205 28.92 22.03 9.67
CA THR B 205 29.47 20.69 9.32
C THR B 205 30.66 20.30 10.21
N ARG B 206 31.22 21.24 10.99
CA ARG B 206 32.33 20.93 11.93
C ARG B 206 31.83 20.15 13.17
N CYS B 207 30.52 20.23 13.49
CA CYS B 207 29.95 19.45 14.62
C CYS B 207 29.74 17.99 14.22
N PRO B 208 29.81 17.02 15.17
CA PRO B 208 29.34 15.66 14.92
C PRO B 208 27.86 15.58 14.52
N LYS B 209 27.01 16.36 15.20
CA LYS B 209 25.58 16.56 14.82
C LYS B 209 25.41 17.97 14.23
N PRO B 210 25.53 18.15 12.89
CA PRO B 210 25.62 19.49 12.30
C PRO B 210 24.34 20.33 12.34
N ALA B 211 23.17 19.70 12.16
CA ALA B 211 21.88 20.43 12.14
C ALA B 211 21.51 20.89 13.55
N SER B 212 20.79 22.01 13.66
CA SER B 212 20.29 22.52 14.96
C SER B 212 18.95 23.23 14.75
N GLN B 213 17.89 22.76 15.40
CA GLN B 213 16.51 23.26 15.17
C GLN B 213 16.33 24.61 15.87
N ILE B 214 15.94 25.66 15.13
CA ILE B 214 15.77 27.03 15.70
C ILE B 214 14.32 27.15 16.23
N GLY B 215 14.14 26.89 17.54
CA GLY B 215 12.83 26.99 18.20
C GLY B 215 12.47 25.71 18.93
N GLY B 220 3.82 27.58 14.71
CA GLY B 220 3.95 28.53 13.60
C GLY B 220 3.73 27.87 12.24
N TYR B 221 3.41 28.68 11.22
CA TYR B 221 3.13 28.15 9.85
C TYR B 221 4.45 27.74 9.17
N LEU B 222 4.36 26.91 8.12
CA LEU B 222 5.55 26.24 7.53
C LEU B 222 6.47 27.27 6.89
N PRO B 223 7.81 27.20 7.14
CA PRO B 223 8.77 28.12 6.54
C PRO B 223 9.05 27.83 5.04
N THR B 224 8.97 28.86 4.20
CA THR B 224 9.01 28.71 2.72
C THR B 224 10.32 29.27 2.15
N SER B 225 10.74 30.48 2.56
CA SER B 225 11.94 31.14 2.01
C SER B 225 12.95 31.49 3.12
N LEU B 226 14.24 31.60 2.76
CA LEU B 226 15.32 31.95 3.73
C LEU B 226 16.26 32.98 3.09
N ALA B 227 16.82 33.87 3.92
CA ALA B 227 17.84 34.85 3.46
C ALA B 227 18.72 35.27 4.64
N TRP B 228 20.05 35.11 4.50
CA TRP B 228 21.01 35.61 5.52
C TRP B 228 21.12 37.14 5.41
N HIS B 229 21.30 37.82 6.56
CA HIS B 229 21.66 39.26 6.57
C HIS B 229 23.07 39.40 6.00
N PRO B 230 23.33 40.29 5.02
CA PRO B 230 24.63 40.35 4.35
C PRO B 230 25.76 40.89 5.24
N GLN B 231 25.47 41.83 6.15
CA GLN B 231 26.50 42.40 7.05
C GLN B 231 26.60 41.56 8.33
N GLN B 232 25.46 41.16 8.92
CA GLN B 232 25.41 40.52 10.26
C GLN B 232 25.43 38.99 10.10
N SER B 233 26.46 38.33 10.63
CA SER B 233 26.67 36.86 10.44
C SER B 233 25.68 36.05 11.30
N GLU B 234 25.14 36.63 12.38
CA GLU B 234 24.30 35.88 13.36
C GLU B 234 22.81 36.16 13.16
N VAL B 235 22.42 36.82 12.06
CA VAL B 235 20.99 37.25 11.85
C VAL B 235 20.53 36.79 10.46
N PHE B 236 19.28 36.33 10.37
CA PHE B 236 18.66 35.93 9.07
C PHE B 236 17.16 36.23 9.11
N VAL B 237 16.50 36.14 7.95
CA VAL B 237 15.03 36.34 7.84
C VAL B 237 14.41 35.11 7.18
N PHE B 238 13.17 34.77 7.53
CA PHE B 238 12.46 33.63 6.88
C PHE B 238 10.99 34.03 6.60
N GLY B 239 10.50 33.67 5.42
CA GLY B 239 9.08 33.84 5.06
C GLY B 239 8.33 32.54 5.20
N ASP B 240 7.05 32.59 5.62
CA ASP B 240 6.23 31.36 5.85
C ASP B 240 5.21 31.21 4.72
N GLU B 241 4.39 30.16 4.77
CA GLU B 241 3.35 29.89 3.74
C GLU B 241 2.14 30.81 3.92
N ASN B 242 2.01 31.51 5.05
CA ASN B 242 0.84 32.38 5.36
C ASN B 242 1.14 33.85 5.05
N GLY B 243 2.21 34.15 4.29
CA GLY B 243 2.52 35.55 3.90
C GLY B 243 2.99 36.38 5.09
N THR B 244 3.99 35.89 5.82
CA THR B 244 4.58 36.61 6.97
C THR B 244 6.11 36.48 6.89
N VAL B 245 6.83 37.61 6.89
CA VAL B 245 8.32 37.63 6.91
C VAL B 245 8.76 37.97 8.35
N SER B 246 9.71 37.20 8.90
CA SER B 246 10.14 37.35 10.31
C SER B 246 11.66 37.51 10.39
N LEU B 247 12.13 38.40 11.28
CA LEU B 247 13.59 38.63 11.52
C LEU B 247 13.99 37.86 12.78
N VAL B 248 15.05 37.03 12.68
CA VAL B 248 15.45 36.11 13.79
C VAL B 248 16.97 36.22 13.99
N ASP B 249 17.40 36.29 15.26
CA ASP B 249 18.83 36.16 15.66
C ASP B 249 19.09 34.68 16.02
N THR B 250 20.29 34.18 15.73
CA THR B 250 20.66 32.77 16.08
C THR B 250 20.51 32.57 17.60
N LYS B 251 21.15 33.44 18.40
CA LYS B 251 20.93 33.48 19.86
C LYS B 251 19.55 34.10 20.13
N SER B 252 18.64 33.32 20.74
CA SER B 252 17.21 33.69 20.93
C SER B 252 16.50 33.77 19.57
N VAL B 256 12.69 39.03 18.52
CA VAL B 256 11.89 38.46 17.39
C VAL B 256 10.91 39.54 16.91
N LEU B 257 11.02 39.95 15.63
CA LEU B 257 10.08 40.91 15.01
C LEU B 257 9.54 40.32 13.70
N SER B 258 8.27 40.60 13.38
CA SER B 258 7.61 40.05 12.15
C SER B 258 6.49 40.98 11.68
N SER B 259 6.07 40.81 10.42
CA SER B 259 4.98 41.63 9.82
C SER B 259 4.20 40.80 8.79
N ALA B 260 2.88 41.00 8.73
CA ALA B 260 2.04 40.38 7.68
C ALA B 260 2.23 41.15 6.37
N VAL B 261 3.22 40.76 5.57
CA VAL B 261 3.57 41.48 4.30
C VAL B 261 2.58 41.06 3.22
N HIS B 262 2.56 39.76 2.89
CA HIS B 262 1.77 39.22 1.75
C HIS B 262 0.49 38.54 2.24
N SER B 263 -0.43 38.25 1.32
CA SER B 263 -1.66 37.48 1.61
C SER B 263 -1.39 35.98 1.44
N GLN B 264 -0.45 35.60 0.57
CA GLN B 264 -0.14 34.17 0.26
C GLN B 264 1.35 33.88 0.53
N CYS B 265 1.74 32.60 0.35
CA CYS B 265 3.12 32.08 0.59
C CYS B 265 4.21 33.06 0.17
N VAL B 266 5.25 33.22 1.00
CA VAL B 266 6.45 34.04 0.67
C VAL B 266 7.44 33.14 -0.09
N THR B 267 7.59 33.36 -1.40
CA THR B 267 8.36 32.44 -2.29
C THR B 267 9.86 32.68 -2.14
N GLY B 268 10.29 33.94 -1.98
CA GLY B 268 11.73 34.27 -1.94
C GLY B 268 12.03 35.55 -1.17
N LEU B 269 13.19 35.61 -0.51
CA LEU B 269 13.63 36.82 0.23
C LEU B 269 15.06 37.17 -0.23
N VAL B 270 15.26 38.40 -0.74
CA VAL B 270 16.56 38.84 -1.32
C VAL B 270 16.89 40.21 -0.72
N PHE B 271 18.00 40.31 0.03
CA PHE B 271 18.51 41.61 0.53
C PHE B 271 19.15 42.38 -0.62
N SER B 272 19.20 43.71 -0.49
CA SER B 272 19.83 44.61 -1.50
C SER B 272 21.33 44.68 -1.26
N PRO B 273 22.14 45.26 -2.19
CA PRO B 273 23.58 45.43 -1.98
C PRO B 273 23.99 46.66 -1.15
N HIS B 274 23.04 47.46 -0.65
CA HIS B 274 23.34 48.73 0.08
C HIS B 274 24.03 48.45 1.43
N SER B 275 24.69 49.48 1.99
CA SER B 275 25.33 49.40 3.32
C SER B 275 24.28 49.10 4.40
N VAL B 276 23.18 49.87 4.40
CA VAL B 276 21.94 49.52 5.17
C VAL B 276 20.97 48.90 4.17
N PRO B 277 20.93 47.55 4.03
CA PRO B 277 20.25 46.92 2.90
C PRO B 277 18.71 46.91 3.05
N PHE B 278 18.01 46.88 1.92
CA PHE B 278 16.52 46.71 1.89
C PHE B 278 16.20 45.25 1.54
N LEU B 279 15.11 44.72 2.10
CA LEU B 279 14.71 43.30 1.88
C LEU B 279 13.57 43.25 0.86
N ALA B 280 13.85 42.75 -0.35
CA ALA B 280 12.79 42.41 -1.33
C ALA B 280 12.12 41.10 -0.90
N SER B 281 10.78 41.04 -0.98
CA SER B 281 10.00 39.83 -0.58
C SER B 281 9.00 39.47 -1.69
N LEU B 282 9.04 38.21 -2.14
CA LEU B 282 8.21 37.71 -3.27
C LEU B 282 7.05 36.88 -2.70
N SER B 283 6.03 36.62 -3.51
CA SER B 283 4.88 35.80 -3.03
C SER B 283 4.04 35.23 -4.18
N GLU B 284 3.15 34.30 -3.84
CA GLU B 284 2.17 33.70 -4.79
C GLU B 284 0.93 34.60 -4.91
N ASP B 285 0.85 35.71 -4.17
CA ASP B 285 -0.26 36.70 -4.36
C ASP B 285 0.05 37.63 -5.54
N CYS B 286 1.17 37.43 -6.24
CA CYS B 286 1.53 38.19 -7.48
C CYS B 286 1.83 39.66 -7.12
N SER B 287 2.60 39.86 -6.05
CA SER B 287 2.98 41.22 -5.58
C SER B 287 4.42 41.20 -5.06
N LEU B 288 5.18 42.26 -5.38
CA LEU B 288 6.51 42.49 -4.77
C LEU B 288 6.36 43.47 -3.61
N ALA B 289 7.22 43.34 -2.58
CA ALA B 289 7.24 44.29 -1.44
C ALA B 289 8.69 44.46 -0.97
N VAL B 290 9.25 45.66 -1.10
CA VAL B 290 10.60 45.98 -0.54
C VAL B 290 10.42 46.52 0.88
N LEU B 291 11.26 46.06 1.81
CA LEU B 291 11.10 46.33 3.28
C LEU B 291 12.37 46.97 3.84
N ASP B 292 12.24 47.66 4.97
CA ASP B 292 13.38 48.36 5.64
C ASP B 292 13.99 47.40 6.69
N SER B 293 14.83 47.93 7.58
CA SER B 293 15.48 47.13 8.67
C SER B 293 14.43 46.51 9.60
N SER B 294 13.38 47.27 9.96
CA SER B 294 12.34 46.82 10.92
C SER B 294 11.12 46.20 10.20
N LEU B 295 11.25 45.82 8.92
CA LEU B 295 10.18 45.14 8.13
C LEU B 295 8.91 45.99 8.08
N SER B 296 9.03 47.22 7.56
CA SER B 296 7.88 48.12 7.29
C SER B 296 7.80 48.39 5.78
N GLU B 297 6.57 48.50 5.25
CA GLU B 297 6.32 48.53 3.78
C GLU B 297 6.75 49.90 3.22
N LEU B 298 7.87 49.92 2.49
CA LEU B 298 8.32 51.15 1.75
C LEU B 298 7.71 51.15 0.34
N PHE B 299 7.98 50.09 -0.43
CA PHE B 299 7.55 49.98 -1.85
C PHE B 299 6.59 48.80 -2.02
N ARG B 300 5.65 48.94 -2.98
CA ARG B 300 4.71 47.86 -3.36
C ARG B 300 4.55 47.84 -4.89
N SER B 301 4.42 46.66 -5.49
CA SER B 301 4.24 46.54 -6.96
C SER B 301 3.35 45.35 -7.29
N GLN B 302 2.16 45.61 -7.86
CA GLN B 302 1.24 44.55 -8.35
C GLN B 302 1.32 44.51 -9.89
N ALA B 303 2.56 44.44 -10.42
CA ALA B 303 2.80 44.50 -11.89
C ALA B 303 2.64 43.10 -12.50
N HIS B 304 3.16 42.07 -11.82
CA HIS B 304 3.06 40.67 -12.33
C HIS B 304 1.61 40.19 -12.27
N ARG B 305 1.18 39.43 -13.30
CA ARG B 305 -0.18 38.83 -13.36
C ARG B 305 -0.16 37.36 -12.91
N ASP B 306 1.01 36.74 -12.81
CA ASP B 306 1.17 35.35 -12.28
C ASP B 306 2.10 35.41 -11.05
N PHE B 307 2.52 34.24 -10.52
CA PHE B 307 3.37 34.21 -9.30
C PHE B 307 4.74 34.82 -9.59
N VAL B 308 5.24 35.64 -8.65
CA VAL B 308 6.61 36.24 -8.74
C VAL B 308 7.58 35.21 -8.14
N ARG B 309 8.61 34.82 -8.90
CA ARG B 309 9.39 33.60 -8.58
C ARG B 309 10.76 33.95 -8.01
N ASP B 310 11.50 34.86 -8.65
CA ASP B 310 12.85 35.26 -8.15
C ASP B 310 13.11 36.74 -8.44
N ALA B 311 13.89 37.40 -7.57
CA ALA B 311 14.25 38.83 -7.72
C ALA B 311 15.77 38.99 -7.57
N THR B 312 16.33 40.06 -8.13
CA THR B 312 17.80 40.30 -8.07
C THR B 312 18.10 41.79 -8.25
N TRP B 313 19.04 42.32 -7.45
CA TRP B 313 19.43 43.76 -7.49
C TRP B 313 20.62 43.93 -8.43
N SER B 314 20.57 44.97 -9.29
CA SER B 314 21.70 45.30 -10.20
C SER B 314 22.87 45.85 -9.38
N PRO B 315 24.11 45.34 -9.55
CA PRO B 315 25.28 45.90 -8.87
C PRO B 315 25.75 47.23 -9.48
N LEU B 316 25.37 47.49 -10.75
CA LEU B 316 25.69 48.78 -11.43
C LEU B 316 24.86 49.90 -10.78
N ASN B 317 23.54 49.71 -10.71
CA ASN B 317 22.61 50.68 -10.09
C ASN B 317 21.86 49.99 -8.94
N HIS B 318 22.18 50.34 -7.69
CA HIS B 318 21.60 49.65 -6.50
C HIS B 318 20.11 49.96 -6.34
N SER B 319 19.62 51.09 -6.89
CA SER B 319 18.19 51.49 -6.76
C SER B 319 17.27 50.61 -7.61
N LEU B 320 17.77 49.99 -8.68
CA LEU B 320 16.93 49.14 -9.58
C LEU B 320 16.72 47.76 -8.95
N LEU B 321 15.64 47.07 -9.34
CA LEU B 321 15.33 45.69 -8.84
C LEU B 321 14.56 44.93 -9.94
N THR B 322 15.10 43.80 -10.40
CA THR B 322 14.52 43.02 -11.52
C THR B 322 13.80 41.79 -10.96
N THR B 323 12.48 41.69 -11.18
CA THR B 323 11.69 40.47 -10.82
C THR B 323 11.33 39.68 -12.07
N VAL B 324 11.10 38.38 -11.92
CA VAL B 324 10.55 37.51 -13.00
C VAL B 324 9.42 36.65 -12.41
N GLY B 325 8.48 36.22 -13.26
CA GLY B 325 7.33 35.40 -12.81
C GLY B 325 6.80 34.50 -13.91
N TRP B 326 5.76 33.71 -13.61
CA TRP B 326 5.18 32.75 -14.58
C TRP B 326 4.34 33.47 -15.65
N ASP B 327 4.09 34.77 -15.50
CA ASP B 327 3.47 35.60 -16.57
C ASP B 327 4.48 35.89 -17.71
N HIS B 328 5.73 35.43 -17.59
CA HIS B 328 6.79 35.61 -18.63
C HIS B 328 7.18 37.09 -18.74
N GLN B 329 7.09 37.84 -17.62
CA GLN B 329 7.50 39.26 -17.58
C GLN B 329 8.87 39.39 -16.91
N VAL B 330 9.68 40.36 -17.35
CA VAL B 330 10.93 40.77 -16.67
C VAL B 330 10.75 42.23 -16.25
N VAL B 331 10.17 42.46 -15.05
CA VAL B 331 9.76 43.83 -14.62
C VAL B 331 10.95 44.49 -13.92
N HIS B 332 11.54 45.52 -14.55
CA HIS B 332 12.65 46.31 -13.94
C HIS B 332 12.05 47.43 -13.08
N HIS B 333 12.07 47.27 -11.75
CA HIS B 333 11.47 48.26 -10.82
C HIS B 333 12.45 49.41 -10.53
N VAL B 334 11.93 50.52 -9.99
CA VAL B 334 12.77 51.66 -9.51
C VAL B 334 12.42 51.89 -8.03
N VAL B 335 13.21 51.31 -7.11
CA VAL B 335 12.91 51.37 -5.65
C VAL B 335 13.31 52.75 -5.14
N PRO B 336 12.40 53.53 -4.51
CA PRO B 336 12.74 54.86 -4.00
C PRO B 336 13.61 54.77 -2.73
N THR B 337 14.87 55.24 -2.82
CA THR B 337 15.86 55.14 -1.71
C THR B 337 16.56 56.49 -1.53
#